data_5TEA
#
_entry.id   5TEA
#
_cell.length_a   142.720
_cell.length_b   65.650
_cell.length_c   133.210
_cell.angle_alpha   90.000
_cell.angle_beta   115.650
_cell.angle_gamma   90.000
#
_symmetry.space_group_name_H-M   'C 1 2 1'
#
loop_
_entity.id
_entity.type
_entity.pdbx_description
1 polymer 'Inorganic pyrophosphatase'
2 non-polymer 'CALCIUM ION'
3 non-polymer 'CHLORIDE ION'
4 water water
#
_entity_poly.entity_id   1
_entity_poly.type   'polypeptide(L)'
_entity_poly.pdbx_seq_one_letter_code
;MAHHHHHHMADFNQILTPGDVDGGIINVVNEIPAGSNHKIEWNRKLAAFQLDRIEPAIFAKPTNYGFIPQTLDEDGDELD
VLLVTEQPLATGVFLEARVIGVMKFVDDGEVDDKIVCVPADDRNNGNAYKTLSDLPQQLIKQIEFHFNHYKDLKKAGTTK
VESWGGAEEAKKVIKESIERWNKQA
;
_entity_poly.pdbx_strand_id   A,B,C,D,E,F
#
# COMPACT_ATOMS: atom_id res chain seq x y z
N PHE A 12 18.35 11.14 21.27
CA PHE A 12 18.15 12.22 20.30
C PHE A 12 18.37 13.60 20.91
N ASN A 13 17.85 13.82 22.13
CA ASN A 13 18.06 15.09 22.83
C ASN A 13 19.49 15.25 23.36
N GLN A 14 20.34 14.22 23.23
CA GLN A 14 21.75 14.32 23.60
C GLN A 14 22.68 14.41 22.41
N ILE A 15 22.30 13.83 21.27
CA ILE A 15 23.16 13.87 20.09
C ILE A 15 22.77 15.02 19.17
N LEU A 16 21.48 15.29 19.02
CA LEU A 16 20.99 16.34 18.13
C LEU A 16 20.68 17.60 18.90
N THR A 17 21.04 18.74 18.33
CA THR A 17 20.62 20.05 18.77
C THR A 17 19.41 20.50 17.95
N PRO A 18 18.76 21.60 18.33
CA PRO A 18 17.69 22.13 17.47
C PRO A 18 18.15 22.49 16.08
N GLY A 19 19.44 22.73 15.87
CA GLY A 19 19.95 23.09 14.58
C GLY A 19 20.09 24.59 14.39
N ASP A 20 20.07 24.99 13.12
CA ASP A 20 20.30 26.37 12.72
C ASP A 20 18.96 27.11 12.72
N VAL A 21 18.50 27.46 13.92
CA VAL A 21 17.19 28.08 14.07
C VAL A 21 17.16 29.45 13.39
N ASP A 22 18.24 30.22 13.53
CA ASP A 22 18.32 31.53 12.88
C ASP A 22 18.19 31.43 11.38
N GLY A 23 18.77 30.37 10.78
CA GLY A 23 18.64 30.16 9.36
C GLY A 23 17.38 29.46 8.92
N GLY A 24 16.50 29.13 9.87
CA GLY A 24 15.29 28.41 9.52
C GLY A 24 15.49 26.97 9.07
N ILE A 25 16.62 26.36 9.41
CA ILE A 25 16.90 24.97 9.05
C ILE A 25 17.15 24.20 10.35
N ILE A 26 16.14 23.46 10.81
CA ILE A 26 16.17 22.85 12.12
C ILE A 26 16.26 21.34 11.99
N ASN A 27 16.64 20.69 13.08
CA ASN A 27 16.59 19.24 13.16
C ASN A 27 15.23 18.80 13.67
N VAL A 28 14.69 17.75 13.05
CA VAL A 28 13.36 17.22 13.38
C VAL A 28 13.45 15.71 13.44
N VAL A 29 12.87 15.11 14.46
CA VAL A 29 12.81 13.66 14.59
C VAL A 29 11.37 13.24 14.31
N ASN A 30 11.18 12.36 13.33
CA ASN A 30 9.82 11.94 12.98
C ASN A 30 9.29 10.90 13.96
N GLU A 31 8.04 11.08 14.38
CA GLU A 31 7.36 10.12 15.25
C GLU A 31 6.24 9.35 14.56
N ILE A 32 5.40 10.02 13.76
CA ILE A 32 4.20 9.43 13.19
C ILE A 32 4.19 9.63 11.68
N PRO A 33 4.13 8.58 10.87
CA PRO A 33 3.98 8.78 9.43
C PRO A 33 2.65 9.45 9.09
N ALA A 34 2.66 10.33 8.10
CA ALA A 34 1.40 10.86 7.59
C ALA A 34 0.48 9.70 7.24
N GLY A 35 -0.79 9.83 7.62
CA GLY A 35 -1.78 8.83 7.29
C GLY A 35 -1.97 7.75 8.32
N SER A 36 -1.18 7.74 9.37
CA SER A 36 -1.29 6.72 10.41
C SER A 36 -2.24 7.20 11.51
N ASN A 37 -3.05 6.28 12.05
CA ASN A 37 -3.83 6.55 13.25
C ASN A 37 -3.17 5.95 14.49
N HIS A 38 -1.86 5.78 14.46
CA HIS A 38 -1.13 5.30 15.62
C HIS A 38 -0.46 6.49 16.30
N LYS A 39 -0.87 6.76 17.54
CA LYS A 39 -0.25 7.88 18.27
C LYS A 39 1.07 7.39 18.83
N ILE A 40 2.15 7.70 18.12
CA ILE A 40 3.49 7.32 18.52
C ILE A 40 4.21 8.57 19.03
N GLU A 41 4.85 8.45 20.19
CA GLU A 41 5.57 9.56 20.78
C GLU A 41 6.94 9.07 21.24
N TRP A 42 7.95 9.93 21.06
CA TRP A 42 9.27 9.65 21.62
C TRP A 42 9.20 9.82 23.13
N ASN A 43 9.53 8.76 23.87
CA ASN A 43 9.54 8.79 25.33
C ASN A 43 10.93 9.21 25.76
N ARG A 44 11.06 10.46 26.23
CA ARG A 44 12.38 11.00 26.55
C ARG A 44 13.01 10.28 27.73
N LYS A 45 12.21 9.89 28.73
CA LYS A 45 12.77 9.21 29.89
C LYS A 45 13.41 7.88 29.51
N LEU A 46 12.81 7.16 28.56
CA LEU A 46 13.28 5.84 28.17
C LEU A 46 14.09 5.84 26.88
N ALA A 47 14.15 6.96 26.17
CA ALA A 47 14.85 7.05 24.88
C ALA A 47 14.35 5.99 23.90
N ALA A 48 13.03 5.91 23.73
CA ALA A 48 12.44 4.92 22.84
C ALA A 48 11.06 5.42 22.39
N PHE A 49 10.60 4.91 21.25
CA PHE A 49 9.33 5.33 20.67
C PHE A 49 8.19 4.48 21.22
N GLN A 50 7.15 5.14 21.73
CA GLN A 50 6.04 4.48 22.40
C GLN A 50 4.76 4.73 21.62
N LEU A 51 4.01 3.66 21.38
CA LEU A 51 2.66 3.76 20.86
C LEU A 51 1.74 4.03 22.04
N ASP A 52 1.35 5.29 22.21
CA ASP A 52 0.49 5.64 23.35
C ASP A 52 -0.88 5.01 23.22
N ARG A 53 -1.46 5.04 22.02
CA ARG A 53 -2.84 4.62 21.82
C ARG A 53 -3.11 4.52 20.33
N ILE A 54 -4.21 3.86 20.00
CA ILE A 54 -4.76 3.90 18.65
C ILE A 54 -5.82 4.99 18.59
N GLU A 55 -5.69 5.90 17.66
CA GLU A 55 -6.67 6.95 17.42
C GLU A 55 -7.77 6.45 16.49
N PRO A 56 -8.92 7.13 16.44
CA PRO A 56 -9.93 6.76 15.43
C PRO A 56 -9.33 6.82 14.03
N ALA A 57 -9.65 5.81 13.21
CA ALA A 57 -9.12 5.80 11.86
C ALA A 57 -9.50 7.04 11.06
N ILE A 58 -10.67 7.64 11.34
CA ILE A 58 -11.04 8.85 10.61
C ILE A 58 -10.14 10.03 10.94
N PHE A 59 -9.31 9.93 11.98
CA PHE A 59 -8.42 11.01 12.38
C PHE A 59 -6.96 10.61 12.20
N ALA A 60 -6.66 9.91 11.09
CA ALA A 60 -5.27 9.69 10.71
C ALA A 60 -4.56 11.03 10.59
N LYS A 61 -3.27 11.04 10.92
CA LYS A 61 -2.51 12.28 10.88
C LYS A 61 -2.49 12.85 9.47
N PRO A 62 -2.86 14.13 9.28
CA PRO A 62 -2.85 14.70 7.92
C PRO A 62 -1.45 14.98 7.39
N THR A 63 -0.44 15.09 8.26
CA THR A 63 0.94 15.27 7.86
C THR A 63 1.80 14.33 8.71
N ASN A 64 3.09 14.20 8.37
CA ASN A 64 3.99 13.56 9.32
C ASN A 64 4.03 14.38 10.60
N TYR A 65 4.33 13.73 11.71
CA TYR A 65 4.27 14.38 13.02
C TYR A 65 5.57 14.07 13.75
N GLY A 66 6.24 15.12 14.24
CA GLY A 66 7.55 14.96 14.85
C GLY A 66 7.86 15.96 15.95
N PHE A 67 9.12 16.10 16.33
CA PHE A 67 9.50 17.05 17.38
C PHE A 67 10.90 17.58 17.10
N ILE A 68 11.20 18.73 17.71
CA ILE A 68 12.52 19.36 17.65
C ILE A 68 13.29 18.97 18.91
N PRO A 69 14.49 18.38 18.80
CA PRO A 69 15.24 18.01 20.00
C PRO A 69 15.62 19.22 20.83
N GLN A 70 15.69 19.01 22.14
CA GLN A 70 16.18 20.02 23.08
C GLN A 70 15.28 21.26 23.08
N THR A 71 13.98 21.04 23.02
CA THR A 71 12.98 22.10 23.13
C THR A 71 11.88 21.65 24.08
N LEU A 72 11.24 22.62 24.73
CA LEU A 72 10.15 22.35 25.67
C LEU A 72 9.01 23.34 25.48
N ASP A 73 7.78 22.81 25.43
CA ASP A 73 6.58 23.59 25.70
C ASP A 73 6.61 24.15 27.10
N GLU A 74 5.68 25.07 27.36
CA GLU A 74 5.56 25.66 28.69
C GLU A 74 5.25 24.59 29.74
N ASP A 75 4.48 23.56 29.37
CA ASP A 75 4.05 22.54 30.31
C ASP A 75 4.99 21.33 30.38
N GLY A 76 6.14 21.40 29.72
CA GLY A 76 7.11 20.31 29.74
C GLY A 76 7.05 19.38 28.56
N ASP A 77 6.16 19.65 27.60
CA ASP A 77 5.99 18.84 26.41
C ASP A 77 7.07 19.17 25.36
N GLU A 78 7.38 18.20 24.51
CA GLU A 78 8.26 18.47 23.37
C GLU A 78 7.60 19.46 22.42
N LEU A 79 8.42 20.23 21.67
CA LEU A 79 7.89 21.14 20.66
C LEU A 79 7.63 20.36 19.40
N ASP A 80 6.37 20.33 18.97
CA ASP A 80 5.93 19.43 17.91
C ASP A 80 6.13 20.04 16.53
N VAL A 81 6.22 19.16 15.53
CA VAL A 81 6.47 19.53 14.15
C VAL A 81 5.45 18.83 13.26
N LEU A 82 4.76 19.60 12.43
CA LEU A 82 4.00 19.05 11.29
C LEU A 82 4.93 19.08 10.08
N LEU A 83 5.36 17.91 9.62
CA LEU A 83 6.29 17.81 8.51
C LEU A 83 5.54 17.35 7.27
N VAL A 84 5.53 18.17 6.22
CA VAL A 84 4.71 17.94 5.05
C VAL A 84 5.59 17.30 3.97
N THR A 85 5.20 16.10 3.51
CA THR A 85 5.87 15.41 2.40
C THR A 85 4.83 14.77 1.50
N GLU A 86 5.25 14.38 0.29
CA GLU A 86 4.34 13.68 -0.61
C GLU A 86 4.08 12.25 -0.16
N GLN A 87 5.10 11.54 0.29
CA GLN A 87 4.96 10.20 0.80
C GLN A 87 5.39 10.15 2.26
N PRO A 88 4.72 9.33 3.07
CA PRO A 88 4.95 9.37 4.52
C PRO A 88 6.38 8.96 4.88
N LEU A 89 6.85 9.51 6.00
CA LEU A 89 8.16 9.24 6.57
C LEU A 89 8.01 8.23 7.70
N ALA A 90 8.97 7.30 7.79
CA ALA A 90 8.92 6.31 8.87
C ALA A 90 9.21 6.91 10.23
N THR A 91 8.66 6.28 11.27
CA THR A 91 9.00 6.60 12.66
C THR A 91 10.49 6.43 12.89
N GLY A 92 11.12 7.43 13.50
CA GLY A 92 12.48 7.28 13.99
C GLY A 92 13.57 7.84 13.12
N VAL A 93 13.26 8.32 11.93
CA VAL A 93 14.22 8.98 11.06
CA VAL A 93 14.27 8.97 11.11
C VAL A 93 14.30 10.45 11.46
N PHE A 94 15.49 11.04 11.44
CA PHE A 94 15.60 12.47 11.68
C PHE A 94 16.07 13.16 10.40
N LEU A 95 15.85 14.48 10.35
CA LEU A 95 16.20 15.21 9.13
C LEU A 95 16.40 16.68 9.43
N GLU A 96 17.13 17.35 8.53
CA GLU A 96 17.14 18.80 8.49
C GLU A 96 15.91 19.27 7.73
N ALA A 97 15.19 20.21 8.32
CA ALA A 97 13.89 20.63 7.80
C ALA A 97 13.82 22.14 7.70
N ARG A 98 13.15 22.62 6.66
CA ARG A 98 12.92 24.05 6.47
C ARG A 98 11.68 24.49 7.23
N VAL A 99 11.84 25.49 8.09
CA VAL A 99 10.72 26.06 8.82
C VAL A 99 9.92 26.95 7.87
N ILE A 100 8.65 26.64 7.66
CA ILE A 100 7.82 27.49 6.81
C ILE A 100 6.69 28.17 7.54
N GLY A 101 6.40 27.82 8.79
CA GLY A 101 5.35 28.50 9.51
C GLY A 101 5.12 27.87 10.88
N VAL A 102 4.05 28.33 11.54
CA VAL A 102 3.67 27.78 12.84
C VAL A 102 2.16 27.74 12.96
N MET A 103 1.63 26.59 13.41
CA MET A 103 0.23 26.46 13.78
C MET A 103 0.11 26.76 15.27
N LYS A 104 -0.44 27.92 15.60
CA LYS A 104 -0.65 28.29 16.99
C LYS A 104 -1.87 27.52 17.50
N PHE A 105 -1.69 26.76 18.57
CA PHE A 105 -2.63 25.72 18.93
C PHE A 105 -2.76 25.60 20.46
N VAL A 106 -3.98 25.40 20.93
CA VAL A 106 -4.23 25.18 22.35
C VAL A 106 -4.92 23.84 22.54
N ASP A 107 -4.35 23.02 23.42
CA ASP A 107 -4.87 21.69 23.73
C ASP A 107 -5.14 21.63 25.22
N ASP A 108 -6.42 21.53 25.60
CA ASP A 108 -6.82 21.47 27.02
C ASP A 108 -6.31 22.67 27.81
N GLY A 109 -6.36 23.85 27.21
CA GLY A 109 -5.92 25.06 27.89
C GLY A 109 -4.43 25.29 27.88
N GLU A 110 -3.65 24.34 27.40
CA GLU A 110 -2.20 24.46 27.30
C GLU A 110 -1.79 24.84 25.89
N VAL A 111 -0.95 25.88 25.76
CA VAL A 111 -0.34 26.17 24.48
C VAL A 111 0.43 24.95 24.01
N ASP A 112 0.21 24.56 22.75
CA ASP A 112 0.77 23.34 22.19
C ASP A 112 1.08 23.60 20.72
N ASP A 113 1.88 24.63 20.44
CA ASP A 113 2.10 25.05 19.06
C ASP A 113 2.83 23.97 18.27
N LYS A 114 2.62 23.98 16.96
CA LYS A 114 3.22 23.01 16.06
C LYS A 114 3.94 23.77 14.95
N ILE A 115 5.23 23.52 14.82
CA ILE A 115 6.04 24.18 13.79
C ILE A 115 5.79 23.45 12.48
N VAL A 116 5.48 24.21 11.43
CA VAL A 116 5.23 23.61 10.10
C VAL A 116 6.54 23.57 9.33
N CYS A 117 6.89 22.40 8.79
CA CYS A 117 8.17 22.21 8.13
C CYS A 117 8.00 21.35 6.87
N VAL A 118 9.00 21.46 6.00
CA VAL A 118 9.22 20.56 4.87
C VAL A 118 10.67 20.10 4.96
N PRO A 119 11.04 19.00 4.28
CA PRO A 119 12.46 18.62 4.25
C PRO A 119 13.27 19.76 3.63
N ALA A 120 14.46 20.00 4.17
CA ALA A 120 15.25 21.13 3.66
C ALA A 120 15.71 20.89 2.24
N ASP A 121 15.84 19.63 1.83
CA ASP A 121 16.38 19.30 0.51
C ASP A 121 15.33 18.42 -0.14
N ASP A 122 14.45 19.00 -0.95
CA ASP A 122 13.38 18.23 -1.59
C ASP A 122 13.53 18.31 -3.10
N ARG A 123 14.12 17.27 -3.68
CA ARG A 123 14.35 17.22 -5.12
C ARG A 123 13.21 16.55 -5.88
N ASN A 124 12.12 16.21 -5.20
CA ASN A 124 10.91 15.77 -5.88
C ASN A 124 10.05 16.94 -6.34
N ASN A 125 9.93 17.99 -5.54
CA ASN A 125 9.21 19.19 -5.96
C ASN A 125 10.13 20.39 -6.11
N GLY A 126 11.43 20.20 -5.94
CA GLY A 126 12.37 21.29 -6.15
C GLY A 126 12.25 22.39 -5.12
N ASN A 127 12.02 22.02 -3.85
CA ASN A 127 11.86 23.00 -2.76
C ASN A 127 10.76 24.01 -3.09
N ALA A 128 9.61 23.49 -3.52
CA ALA A 128 8.51 24.35 -3.96
C ALA A 128 7.86 25.10 -2.80
N TYR A 129 7.97 24.62 -1.58
CA TYR A 129 7.28 25.24 -0.45
C TYR A 129 8.28 25.92 0.46
N LYS A 130 8.22 27.25 0.50
CA LYS A 130 9.08 28.02 1.39
C LYS A 130 8.31 28.85 2.40
N THR A 131 7.02 29.14 2.15
CA THR A 131 6.14 29.81 3.10
C THR A 131 4.81 29.06 3.14
N LEU A 132 3.99 29.37 4.13
CA LEU A 132 2.68 28.72 4.22
C LEU A 132 1.80 29.02 3.01
N SER A 133 1.96 30.21 2.41
CA SER A 133 1.17 30.56 1.23
C SER A 133 1.58 29.78 0.00
N ASP A 134 2.74 29.11 0.02
CA ASP A 134 3.11 28.24 -1.09
C ASP A 134 2.29 26.95 -1.09
N LEU A 135 1.73 26.58 0.05
CA LEU A 135 0.89 25.39 0.17
C LEU A 135 -0.52 25.68 -0.34
N PRO A 136 -1.25 24.65 -0.79
CA PRO A 136 -2.67 24.85 -1.09
C PRO A 136 -3.40 25.31 0.17
N GLN A 137 -4.14 26.41 0.05
CA GLN A 137 -4.89 26.90 1.20
C GLN A 137 -5.83 25.81 1.73
N GLN A 138 -6.32 24.95 0.83
CA GLN A 138 -7.20 23.87 1.24
C GLN A 138 -6.47 22.80 2.05
N LEU A 139 -5.15 22.64 1.85
CA LEU A 139 -4.40 21.74 2.72
C LEU A 139 -4.35 22.30 4.14
N ILE A 140 -4.12 23.62 4.26
CA ILE A 140 -4.16 24.27 5.57
C ILE A 140 -5.51 24.07 6.25
N LYS A 141 -6.60 24.20 5.50
CA LYS A 141 -7.92 24.07 6.11
C LYS A 141 -8.16 22.66 6.61
N GLN A 142 -7.65 21.65 5.90
CA GLN A 142 -7.75 20.27 6.37
C GLN A 142 -6.97 20.05 7.66
N ILE A 143 -5.74 20.56 7.71
CA ILE A 143 -4.93 20.42 8.92
C ILE A 143 -5.62 21.13 10.09
N GLU A 144 -6.18 22.31 9.83
CA GLU A 144 -6.90 23.04 10.87
C GLU A 144 -8.10 22.24 11.36
N PHE A 145 -8.90 21.69 10.43
CA PHE A 145 -10.04 20.86 10.83
C PHE A 145 -9.60 19.67 11.67
N HIS A 146 -8.55 18.95 11.22
CA HIS A 146 -8.05 17.80 11.98
C HIS A 146 -7.75 18.16 13.42
N PHE A 147 -6.95 19.20 13.63
CA PHE A 147 -6.54 19.51 14.99
C PHE A 147 -7.65 20.16 15.80
N ASN A 148 -8.66 20.73 15.14
CA ASN A 148 -9.83 21.23 15.85
C ASN A 148 -10.77 20.12 16.30
N HIS A 149 -10.71 18.92 15.69
CA HIS A 149 -11.70 17.89 15.96
C HIS A 149 -11.16 16.52 16.34
N TYR A 150 -9.85 16.28 16.34
CA TYR A 150 -9.37 14.90 16.46
C TYR A 150 -9.68 14.26 17.80
N LYS A 151 -10.07 15.02 18.81
CA LYS A 151 -10.48 14.44 20.07
C LYS A 151 -11.99 14.39 20.25
N ASP A 152 -12.76 14.66 19.19
CA ASP A 152 -14.20 14.88 19.36
C ASP A 152 -14.95 13.64 19.82
N LEU A 153 -14.46 12.44 19.52
CA LEU A 153 -15.21 11.26 19.92
C LEU A 153 -15.04 10.95 21.40
N LYS A 154 -14.04 11.54 22.05
CA LYS A 154 -13.92 11.46 23.50
C LYS A 154 -14.63 12.63 24.18
N LYS A 155 -14.28 13.86 23.79
CA LYS A 155 -14.98 15.06 24.23
C LYS A 155 -14.61 16.20 23.28
N ALA A 156 -15.63 16.85 22.73
CA ALA A 156 -15.44 17.94 21.78
C ALA A 156 -15.11 19.24 22.50
N GLY A 157 -14.52 20.16 21.75
CA GLY A 157 -14.33 21.53 22.23
C GLY A 157 -13.08 21.78 23.05
N THR A 158 -12.17 20.82 23.17
CA THR A 158 -10.99 21.00 24.02
C THR A 158 -9.76 21.44 23.25
N THR A 159 -9.80 21.47 21.91
CA THR A 159 -8.65 21.88 21.11
C THR A 159 -9.05 23.04 20.21
N LYS A 160 -8.10 23.95 19.97
CA LYS A 160 -8.38 25.11 19.12
C LYS A 160 -7.13 25.56 18.38
N VAL A 161 -7.23 25.59 17.06
CA VAL A 161 -6.22 26.20 16.21
C VAL A 161 -6.47 27.71 16.24
N GLU A 162 -5.54 28.46 16.83
CA GLU A 162 -5.74 29.87 17.10
C GLU A 162 -5.38 30.74 15.90
N SER A 163 -4.34 30.39 15.17
CA SER A 163 -3.87 31.21 14.06
C SER A 163 -2.76 30.45 13.34
N TRP A 164 -2.42 30.94 12.15
CA TRP A 164 -1.31 30.42 11.37
C TRP A 164 -0.27 31.53 11.22
N GLY A 165 0.95 31.26 11.69
CA GLY A 165 2.01 32.25 11.65
C GLY A 165 3.08 31.93 10.64
N GLY A 166 3.82 32.95 10.22
CA GLY A 166 4.88 32.79 9.25
C GLY A 166 6.16 32.27 9.88
N ALA A 167 7.22 32.25 9.08
CA ALA A 167 8.46 31.63 9.53
C ALA A 167 9.12 32.42 10.66
N GLU A 168 8.98 33.75 10.68
CA GLU A 168 9.62 34.50 11.77
C GLU A 168 8.92 34.24 13.09
N GLU A 169 7.59 34.17 13.09
CA GLU A 169 6.90 33.80 14.33
C GLU A 169 7.29 32.40 14.78
N ALA A 170 7.41 31.47 13.82
CA ALA A 170 7.83 30.12 14.17
C ALA A 170 9.21 30.13 14.80
N LYS A 171 10.12 30.96 14.28
CA LYS A 171 11.46 31.01 14.84
C LYS A 171 11.42 31.51 16.27
N LYS A 172 10.52 32.47 16.56
CA LYS A 172 10.42 32.99 17.91
C LYS A 172 9.90 31.93 18.86
N VAL A 173 8.94 31.11 18.40
CA VAL A 173 8.43 30.02 19.22
C VAL A 173 9.52 28.99 19.49
N ILE A 174 10.32 28.66 18.47
CA ILE A 174 11.42 27.72 18.69
C ILE A 174 12.41 28.26 19.71
N LYS A 175 12.79 29.54 19.57
CA LYS A 175 13.77 30.10 20.50
C LYS A 175 13.23 30.12 21.93
N GLU A 176 11.94 30.40 22.10
CA GLU A 176 11.33 30.36 23.43
C GLU A 176 11.41 28.96 24.02
N SER A 177 11.21 27.94 23.20
CA SER A 177 11.23 26.56 23.67
C SER A 177 12.65 26.06 23.93
N ILE A 178 13.62 26.60 23.18
CA ILE A 178 15.02 26.33 23.48
C ILE A 178 15.38 26.86 24.86
N GLU A 179 14.87 28.05 25.19
CA GLU A 179 15.15 28.63 26.51
C GLU A 179 14.54 27.78 27.63
N ARG A 180 13.32 27.29 27.43
CA ARG A 180 12.71 26.43 28.46
CA ARG A 180 12.71 26.43 28.44
C ARG A 180 13.53 25.16 28.65
N TRP A 181 13.98 24.54 27.56
CA TRP A 181 14.83 23.36 27.68
C TRP A 181 16.10 23.68 28.47
N ASN A 182 16.77 24.79 28.10
CA ASN A 182 18.01 25.16 28.77
C ASN A 182 17.80 25.39 30.26
N LYS A 183 16.68 26.00 30.64
CA LYS A 183 16.46 26.34 32.05
C LYS A 183 16.12 25.11 32.89
N GLN A 184 15.56 24.06 32.28
CA GLN A 184 15.31 22.81 33.00
C GLN A 184 16.45 21.83 32.75
N ASP B 11 -19.05 -8.16 -22.60
CA ASP B 11 -19.10 -9.61 -22.49
C ASP B 11 -17.83 -10.23 -23.07
N PHE B 12 -16.92 -10.64 -22.18
CA PHE B 12 -15.62 -11.16 -22.60
C PHE B 12 -15.74 -12.46 -23.38
N ASN B 13 -16.78 -13.25 -23.14
CA ASN B 13 -16.94 -14.51 -23.87
C ASN B 13 -17.50 -14.33 -25.28
N GLN B 14 -17.90 -13.12 -25.64
CA GLN B 14 -18.33 -12.80 -27.00
C GLN B 14 -17.31 -11.98 -27.78
N ILE B 15 -16.56 -11.11 -27.11
CA ILE B 15 -15.57 -10.27 -27.79
C ILE B 15 -14.23 -10.98 -27.92
N LEU B 16 -13.90 -11.86 -26.99
CA LEU B 16 -12.60 -12.50 -26.95
C LEU B 16 -12.73 -13.99 -27.25
N THR B 17 -11.78 -14.50 -28.00
CA THR B 17 -11.59 -15.92 -28.20
C THR B 17 -10.48 -16.42 -27.29
N PRO B 18 -10.25 -17.74 -27.22
CA PRO B 18 -9.11 -18.23 -26.44
C PRO B 18 -7.77 -17.76 -26.97
N GLY B 19 -7.68 -17.36 -28.24
CA GLY B 19 -6.40 -16.92 -28.78
C GLY B 19 -5.61 -18.03 -29.43
N ASP B 20 -4.27 -17.89 -29.46
CA ASP B 20 -3.39 -18.76 -30.23
C ASP B 20 -2.92 -19.92 -29.35
N VAL B 21 -3.81 -20.89 -29.16
CA VAL B 21 -3.53 -21.99 -28.23
C VAL B 21 -2.29 -22.76 -28.69
N ASP B 22 -2.25 -23.13 -29.97
CA ASP B 22 -1.10 -23.85 -30.52
C ASP B 22 0.19 -23.07 -30.31
N GLY B 23 0.16 -21.75 -30.52
CA GLY B 23 1.35 -20.96 -30.30
C GLY B 23 1.69 -20.69 -28.84
N GLY B 24 0.81 -21.07 -27.93
CA GLY B 24 1.03 -20.85 -26.51
C GLY B 24 0.80 -19.44 -26.03
N ILE B 25 0.18 -18.59 -26.84
CA ILE B 25 -0.15 -17.22 -26.43
C ILE B 25 -1.67 -17.13 -26.46
N ILE B 26 -2.29 -17.09 -25.29
CA ILE B 26 -3.75 -17.14 -25.18
C ILE B 26 -4.27 -15.83 -24.58
N ASN B 27 -5.59 -15.66 -24.62
CA ASN B 27 -6.23 -14.51 -24.00
C ASN B 27 -6.71 -14.89 -22.61
N VAL B 28 -6.42 -14.04 -21.63
CA VAL B 28 -6.77 -14.27 -20.23
C VAL B 28 -7.48 -13.04 -19.70
N VAL B 29 -8.58 -13.24 -18.96
CA VAL B 29 -9.27 -12.17 -18.27
C VAL B 29 -8.99 -12.31 -16.78
N ASN B 30 -8.47 -11.24 -16.16
CA ASN B 30 -8.09 -11.30 -14.75
C ASN B 30 -9.31 -11.04 -13.86
N GLU B 31 -9.51 -11.91 -12.86
CA GLU B 31 -10.58 -11.70 -11.88
C GLU B 31 -10.11 -11.22 -10.52
N ILE B 32 -9.00 -11.76 -10.01
CA ILE B 32 -8.58 -11.52 -8.64
C ILE B 32 -7.13 -11.06 -8.64
N PRO B 33 -6.82 -9.89 -8.07
CA PRO B 33 -5.41 -9.52 -7.89
C PRO B 33 -4.70 -10.45 -6.91
N ALA B 34 -3.44 -10.77 -7.24
CA ALA B 34 -2.60 -11.47 -6.27
C ALA B 34 -2.61 -10.74 -4.95
N GLY B 35 -2.62 -11.50 -3.86
CA GLY B 35 -2.65 -10.93 -2.52
C GLY B 35 -4.02 -10.56 -2.00
N SER B 36 -5.08 -10.72 -2.80
CA SER B 36 -6.43 -10.41 -2.35
C SER B 36 -7.10 -11.63 -1.73
N ASN B 37 -7.87 -11.42 -0.65
CA ASN B 37 -8.73 -12.48 -0.13
C ASN B 37 -10.18 -12.30 -0.56
N HIS B 38 -10.42 -11.56 -1.64
CA HIS B 38 -11.75 -11.39 -2.19
C HIS B 38 -11.95 -12.39 -3.32
N LYS B 39 -12.91 -13.29 -3.16
CA LYS B 39 -13.17 -14.25 -4.23
C LYS B 39 -14.07 -13.58 -5.26
N ILE B 40 -13.45 -13.07 -6.32
CA ILE B 40 -14.14 -12.37 -7.38
C ILE B 40 -14.22 -13.30 -8.57
N GLU B 41 -15.40 -13.36 -9.18
CA GLU B 41 -15.66 -14.24 -10.32
C GLU B 41 -16.36 -13.44 -11.40
N TRP B 42 -15.98 -13.68 -12.65
CA TRP B 42 -16.75 -13.16 -13.77
C TRP B 42 -18.07 -13.92 -13.84
N ASN B 43 -19.18 -13.18 -13.76
CA ASN B 43 -20.50 -13.79 -13.78
C ASN B 43 -20.98 -13.81 -15.22
N ARG B 44 -20.96 -15.00 -15.84
CA ARG B 44 -21.30 -15.12 -17.25
C ARG B 44 -22.74 -14.70 -17.51
N LYS B 45 -23.65 -15.01 -16.58
CA LYS B 45 -25.06 -14.67 -16.75
C LYS B 45 -25.26 -13.16 -16.83
N LEU B 46 -24.54 -12.40 -16.01
CA LEU B 46 -24.75 -10.96 -15.92
C LEU B 46 -23.70 -10.16 -16.69
N ALA B 47 -22.63 -10.80 -17.15
CA ALA B 47 -21.48 -10.11 -17.74
C ALA B 47 -20.97 -9.01 -16.81
N ALA B 48 -20.60 -9.42 -15.60
CA ALA B 48 -20.08 -8.50 -14.60
C ALA B 48 -19.30 -9.30 -13.56
N PHE B 49 -18.41 -8.62 -12.86
CA PHE B 49 -17.56 -9.26 -11.86
C PHE B 49 -18.26 -9.24 -10.52
N GLN B 50 -18.33 -10.39 -9.87
CA GLN B 50 -19.09 -10.55 -8.64
C GLN B 50 -18.15 -10.94 -7.51
N LEU B 51 -18.27 -10.25 -6.38
CA LEU B 51 -17.61 -10.72 -5.16
C LEU B 51 -18.48 -11.82 -4.57
N ASP B 52 -18.06 -13.08 -4.78
CA ASP B 52 -18.81 -14.21 -4.24
C ASP B 52 -18.75 -14.25 -2.71
N ARG B 53 -17.57 -14.02 -2.14
CA ARG B 53 -17.40 -14.11 -0.71
C ARG B 53 -16.05 -13.54 -0.32
N ILE B 54 -15.90 -13.26 0.99
CA ILE B 54 -14.61 -12.95 1.59
C ILE B 54 -13.98 -14.25 2.05
N GLU B 55 -12.74 -14.51 1.60
CA GLU B 55 -12.01 -15.70 2.03
C GLU B 55 -11.21 -15.39 3.29
N PRO B 56 -10.77 -16.41 4.03
CA PRO B 56 -9.85 -16.15 5.15
C PRO B 56 -8.62 -15.38 4.68
N ALA B 57 -8.26 -14.35 5.46
CA ALA B 57 -7.13 -13.50 5.12
C ALA B 57 -5.83 -14.30 4.99
N ILE B 58 -5.67 -15.37 5.76
CA ILE B 58 -4.47 -16.18 5.64
C ILE B 58 -4.40 -16.91 4.31
N PHE B 59 -5.49 -16.93 3.55
CA PHE B 59 -5.53 -17.60 2.24
C PHE B 59 -5.71 -16.60 1.11
N ALA B 60 -5.01 -15.47 1.16
CA ALA B 60 -4.97 -14.56 0.02
C ALA B 60 -4.40 -15.30 -1.19
N LYS B 61 -4.90 -14.95 -2.37
CA LYS B 61 -4.44 -15.62 -3.58
C LYS B 61 -2.94 -15.40 -3.77
N PRO B 62 -2.15 -16.47 -4.01
CA PRO B 62 -0.70 -16.27 -4.18
C PRO B 62 -0.30 -15.76 -5.55
N THR B 63 -1.18 -15.88 -6.56
CA THR B 63 -0.96 -15.31 -7.88
C THR B 63 -2.22 -14.56 -8.27
N ASN B 64 -2.17 -13.82 -9.37
CA ASN B 64 -3.42 -13.33 -9.93
C ASN B 64 -4.24 -14.53 -10.40
N TYR B 65 -5.56 -14.36 -10.41
CA TYR B 65 -6.47 -15.46 -10.75
C TYR B 65 -7.41 -15.01 -11.85
N GLY B 66 -7.47 -15.77 -12.93
CA GLY B 66 -8.35 -15.39 -14.03
C GLY B 66 -8.96 -16.54 -14.78
N PHE B 67 -9.45 -16.30 -16.00
CA PHE B 67 -10.01 -17.40 -16.79
C PHE B 67 -9.72 -17.17 -18.27
N ILE B 68 -9.89 -18.23 -19.03
CA ILE B 68 -9.75 -18.20 -20.49
C ILE B 68 -11.14 -18.08 -21.10
N PRO B 69 -11.42 -17.05 -21.91
CA PRO B 69 -12.76 -16.94 -22.52
C PRO B 69 -13.05 -18.13 -23.42
N GLN B 70 -14.34 -18.48 -23.49
CA GLN B 70 -14.85 -19.50 -24.42
C GLN B 70 -14.23 -20.86 -24.16
N THR B 71 -14.10 -21.22 -22.88
CA THR B 71 -13.66 -22.53 -22.45
C THR B 71 -14.58 -23.02 -21.34
N LEU B 72 -14.64 -24.34 -21.17
CA LEU B 72 -15.45 -24.94 -20.11
C LEU B 72 -14.71 -26.11 -19.47
N ASP B 73 -14.65 -26.13 -18.14
CA ASP B 73 -14.36 -27.35 -17.40
C ASP B 73 -15.45 -28.40 -17.65
N GLU B 74 -15.13 -29.64 -17.27
CA GLU B 74 -16.05 -30.76 -17.48
C GLU B 74 -17.37 -30.58 -16.72
N ASP B 75 -17.39 -29.73 -15.69
CA ASP B 75 -18.59 -29.45 -14.91
C ASP B 75 -19.34 -28.20 -15.36
N GLY B 76 -18.83 -27.46 -16.35
CA GLY B 76 -19.40 -26.18 -16.74
C GLY B 76 -18.72 -24.97 -16.15
N ASP B 77 -17.68 -25.17 -15.34
CA ASP B 77 -16.83 -24.11 -14.83
C ASP B 77 -15.94 -23.55 -15.94
N GLU B 78 -15.67 -22.26 -15.90
CA GLU B 78 -14.69 -21.69 -16.82
C GLU B 78 -13.28 -22.16 -16.45
N LEU B 79 -12.42 -22.30 -17.47
CA LEU B 79 -11.06 -22.80 -17.25
C LEU B 79 -10.24 -21.72 -16.56
N ASP B 80 -9.73 -22.02 -15.37
CA ASP B 80 -9.09 -21.02 -14.53
C ASP B 80 -7.63 -20.82 -14.93
N VAL B 81 -7.09 -19.67 -14.55
CA VAL B 81 -5.73 -19.25 -14.88
C VAL B 81 -5.06 -18.72 -13.62
N LEU B 82 -3.85 -19.23 -13.35
CA LEU B 82 -2.92 -18.64 -12.39
C LEU B 82 -1.94 -17.78 -13.19
N LEU B 83 -2.05 -16.46 -13.05
CA LEU B 83 -1.24 -15.51 -13.81
C LEU B 83 -0.22 -14.90 -12.87
N VAL B 84 1.06 -15.17 -13.12
CA VAL B 84 2.14 -14.78 -12.23
C VAL B 84 2.73 -13.46 -12.70
N THR B 85 2.73 -12.45 -11.83
CA THR B 85 3.35 -11.16 -12.09
C THR B 85 4.09 -10.72 -10.83
N GLU B 86 4.99 -9.75 -10.99
CA GLU B 86 5.65 -9.18 -9.82
C GLU B 86 4.70 -8.29 -9.01
N GLN B 87 3.86 -7.51 -9.68
CA GLN B 87 2.91 -6.64 -9.02
CA GLN B 87 2.90 -6.64 -9.02
C GLN B 87 1.47 -7.04 -9.39
N PRO B 88 0.55 -6.98 -8.44
CA PRO B 88 -0.82 -7.47 -8.72
C PRO B 88 -1.50 -6.76 -9.89
N LEU B 89 -2.28 -7.53 -10.65
CA LEU B 89 -3.11 -7.01 -11.72
C LEU B 89 -4.54 -6.74 -11.23
N ALA B 90 -5.14 -5.66 -11.71
CA ALA B 90 -6.51 -5.32 -11.30
C ALA B 90 -7.56 -6.23 -11.92
N THR B 91 -8.68 -6.39 -11.22
CA THR B 91 -9.84 -7.09 -11.75
C THR B 91 -10.32 -6.41 -13.04
N GLY B 92 -10.60 -7.21 -14.06
CA GLY B 92 -11.33 -6.72 -15.20
C GLY B 92 -10.51 -6.44 -16.44
N VAL B 93 -9.20 -6.46 -16.36
CA VAL B 93 -8.38 -6.26 -17.55
CA VAL B 93 -8.36 -6.26 -17.53
C VAL B 93 -8.09 -7.62 -18.17
N PHE B 94 -7.99 -7.65 -19.50
CA PHE B 94 -7.59 -8.86 -20.19
C PHE B 94 -6.22 -8.64 -20.83
N LEU B 95 -5.55 -9.74 -21.17
CA LEU B 95 -4.20 -9.66 -21.71
C LEU B 95 -3.91 -10.89 -22.55
N GLU B 96 -2.97 -10.75 -23.47
CA GLU B 96 -2.32 -11.89 -24.09
C GLU B 96 -1.29 -12.44 -23.12
N ALA B 97 -1.35 -13.75 -22.88
CA ALA B 97 -0.51 -14.38 -21.88
C ALA B 97 0.15 -15.63 -22.45
N ARG B 98 1.38 -15.88 -22.01
CA ARG B 98 2.07 -17.10 -22.43
C ARG B 98 1.72 -18.22 -21.47
N VAL B 99 1.35 -19.38 -22.03
CA VAL B 99 1.09 -20.60 -21.28
C VAL B 99 2.44 -21.22 -20.89
N ILE B 100 2.70 -21.40 -19.60
CA ILE B 100 3.95 -22.03 -19.18
C ILE B 100 3.77 -23.35 -18.45
N GLY B 101 2.55 -23.77 -18.14
CA GLY B 101 2.33 -25.03 -17.46
C GLY B 101 0.88 -25.18 -17.04
N VAL B 102 0.61 -26.26 -16.30
CA VAL B 102 -0.73 -26.50 -15.76
C VAL B 102 -0.62 -27.10 -14.38
N MET B 103 -1.44 -26.58 -13.46
CA MET B 103 -1.62 -27.20 -12.15
C MET B 103 -2.80 -28.15 -12.26
N LYS B 104 -2.53 -29.47 -12.30
CA LYS B 104 -3.61 -30.45 -12.30
C LYS B 104 -4.22 -30.52 -10.91
N PHE B 105 -5.54 -30.35 -10.82
CA PHE B 105 -6.14 -30.05 -9.54
C PHE B 105 -7.53 -30.68 -9.48
N VAL B 106 -7.85 -31.23 -8.31
CA VAL B 106 -9.15 -31.81 -8.06
C VAL B 106 -9.78 -31.04 -6.92
N ASP B 107 -11.00 -30.58 -7.12
CA ASP B 107 -11.72 -29.73 -6.17
C ASP B 107 -13.12 -30.33 -6.05
N ASP B 108 -13.44 -30.84 -4.85
CA ASP B 108 -14.77 -31.33 -4.53
C ASP B 108 -15.21 -32.47 -5.48
N GLY B 109 -14.28 -33.37 -5.78
CA GLY B 109 -14.62 -34.51 -6.61
C GLY B 109 -14.65 -34.25 -8.11
N GLU B 110 -14.27 -33.07 -8.56
CA GLU B 110 -14.27 -32.72 -9.96
C GLU B 110 -12.88 -32.27 -10.38
N VAL B 111 -12.53 -32.50 -11.65
CA VAL B 111 -11.32 -31.92 -12.21
C VAL B 111 -11.49 -30.42 -12.27
N ASP B 112 -10.49 -29.68 -11.79
CA ASP B 112 -10.54 -28.22 -11.80
C ASP B 112 -9.14 -27.66 -12.07
N ASP B 113 -8.57 -28.04 -13.22
CA ASP B 113 -7.21 -27.67 -13.56
C ASP B 113 -7.08 -26.16 -13.71
N LYS B 114 -5.86 -25.66 -13.51
CA LYS B 114 -5.57 -24.24 -13.63
C LYS B 114 -4.33 -24.04 -14.49
N ILE B 115 -4.48 -23.30 -15.57
CA ILE B 115 -3.38 -23.04 -16.50
C ILE B 115 -2.47 -22.00 -15.87
N VAL B 116 -1.16 -22.24 -15.90
CA VAL B 116 -0.19 -21.30 -15.34
C VAL B 116 0.33 -20.43 -16.47
N CYS B 117 0.25 -19.11 -16.29
CA CYS B 117 0.56 -18.16 -17.35
C CYS B 117 1.40 -17.02 -16.80
N VAL B 118 2.08 -16.34 -17.72
CA VAL B 118 2.68 -15.03 -17.46
C VAL B 118 2.25 -14.10 -18.60
N PRO B 119 2.31 -12.80 -18.39
CA PRO B 119 2.03 -11.88 -19.51
C PRO B 119 2.97 -12.20 -20.68
N ALA B 120 2.42 -12.13 -21.90
CA ALA B 120 3.21 -12.52 -23.06
C ALA B 120 4.32 -11.52 -23.36
N ASP B 121 4.16 -10.27 -22.95
CA ASP B 121 5.13 -9.20 -23.18
C ASP B 121 5.44 -8.62 -21.79
N ASP B 122 6.48 -9.12 -21.15
CA ASP B 122 6.88 -8.67 -19.80
C ASP B 122 8.26 -8.01 -19.91
N ARG B 123 8.28 -6.69 -19.94
CA ARG B 123 9.54 -5.97 -20.04
C ARG B 123 10.10 -5.59 -18.69
N ASN B 124 9.50 -6.07 -17.61
CA ASN B 124 10.11 -5.90 -16.30
C ASN B 124 11.10 -7.01 -15.99
N ASN B 125 10.76 -8.26 -16.25
CA ASN B 125 11.73 -9.33 -16.11
C ASN B 125 12.31 -9.79 -17.45
N GLY B 126 11.93 -9.15 -18.54
CA GLY B 126 12.49 -9.53 -19.83
C GLY B 126 12.05 -10.89 -20.32
N ASN B 127 10.78 -11.24 -20.08
CA ASN B 127 10.23 -12.54 -20.47
C ASN B 127 11.08 -13.69 -19.91
N ALA B 128 11.42 -13.57 -18.63
CA ALA B 128 12.30 -14.55 -17.99
C ALA B 128 11.65 -15.93 -17.82
N TYR B 129 10.34 -16.03 -17.87
CA TYR B 129 9.63 -17.25 -17.49
C TYR B 129 8.92 -17.83 -18.70
N LYS B 130 9.45 -18.94 -19.22
CA LYS B 130 8.80 -19.66 -20.30
C LYS B 130 8.34 -21.05 -19.90
N THR B 131 8.88 -21.62 -18.82
CA THR B 131 8.49 -22.93 -18.31
C THR B 131 8.30 -22.81 -16.80
N LEU B 132 7.69 -23.84 -16.20
CA LEU B 132 7.54 -23.84 -14.75
C LEU B 132 8.89 -23.87 -14.05
N SER B 133 9.86 -24.60 -14.61
CA SER B 133 11.18 -24.71 -14.00
C SER B 133 11.92 -23.37 -14.00
N ASP B 134 11.48 -22.40 -14.80
CA ASP B 134 12.10 -21.07 -14.76
C ASP B 134 11.71 -20.31 -13.50
N LEU B 135 10.55 -20.63 -12.93
CA LEU B 135 10.12 -19.98 -11.68
C LEU B 135 10.92 -20.52 -10.51
N PRO B 136 11.05 -19.74 -9.42
CA PRO B 136 11.60 -20.33 -8.20
C PRO B 136 10.72 -21.48 -7.76
N GLN B 137 11.34 -22.62 -7.48
CA GLN B 137 10.55 -23.80 -7.18
C GLN B 137 9.81 -23.63 -5.85
N GLN B 138 10.33 -22.78 -4.97
CA GLN B 138 9.61 -22.47 -3.74
C GLN B 138 8.31 -21.72 -4.00
N LEU B 139 8.25 -20.94 -5.08
CA LEU B 139 6.97 -20.30 -5.41
C LEU B 139 5.94 -21.37 -5.81
N ILE B 140 6.37 -22.34 -6.60
CA ILE B 140 5.48 -23.44 -6.96
C ILE B 140 4.99 -24.15 -5.69
N LYS B 141 5.90 -24.45 -4.77
CA LYS B 141 5.49 -25.15 -3.56
C LYS B 141 4.50 -24.32 -2.74
N GLN B 142 4.64 -22.99 -2.75
CA GLN B 142 3.69 -22.14 -2.03
C GLN B 142 2.32 -22.17 -2.71
N ILE B 143 2.29 -22.14 -4.03
CA ILE B 143 1.04 -22.23 -4.76
C ILE B 143 0.38 -23.57 -4.49
N GLU B 144 1.18 -24.63 -4.48
CA GLU B 144 0.66 -25.96 -4.19
C GLU B 144 0.06 -26.00 -2.80
N PHE B 145 0.77 -25.46 -1.81
CA PHE B 145 0.24 -25.46 -0.45
C PHE B 145 -1.07 -24.70 -0.36
N HIS B 146 -1.12 -23.53 -1.00
CA HIS B 146 -2.33 -22.72 -0.99
C HIS B 146 -3.53 -23.52 -1.47
N PHE B 147 -3.41 -24.13 -2.65
CA PHE B 147 -4.59 -24.77 -3.21
C PHE B 147 -4.90 -26.10 -2.52
N ASN B 148 -3.92 -26.73 -1.86
CA ASN B 148 -4.18 -27.92 -1.07
C ASN B 148 -4.91 -27.60 0.24
N HIS B 149 -4.88 -26.36 0.70
CA HIS B 149 -5.35 -26.04 2.04
C HIS B 149 -6.35 -24.89 2.13
N TYR B 150 -6.71 -24.24 1.03
CA TYR B 150 -7.44 -22.97 1.18
C TYR B 150 -8.87 -23.14 1.66
N LYS B 151 -9.43 -24.34 1.61
CA LYS B 151 -10.73 -24.59 2.21
C LYS B 151 -10.65 -25.29 3.56
N ASP B 152 -9.46 -25.35 4.17
CA ASP B 152 -9.31 -26.17 5.37
C ASP B 152 -10.18 -25.71 6.53
N LEU B 153 -10.60 -24.46 6.57
CA LEU B 153 -11.35 -24.03 7.75
C LEU B 153 -12.75 -24.64 7.79
N LYS B 154 -13.28 -25.09 6.64
CA LYS B 154 -14.55 -25.82 6.57
C LYS B 154 -14.53 -26.64 5.28
N LYS B 155 -13.89 -27.80 5.36
CA LYS B 155 -13.48 -28.54 4.15
C LYS B 155 -14.50 -29.63 3.82
N ALA B 156 -15.28 -29.41 2.74
CA ALA B 156 -16.36 -30.31 2.37
C ALA B 156 -15.98 -31.30 1.28
N GLY B 157 -14.75 -31.28 0.80
CA GLY B 157 -14.34 -32.13 -0.30
C GLY B 157 -12.86 -31.97 -0.57
N THR B 158 -12.35 -32.85 -1.44
CA THR B 158 -10.94 -32.82 -1.77
C THR B 158 -10.54 -31.46 -2.31
N THR B 159 -9.35 -30.99 -1.91
CA THR B 159 -8.61 -29.91 -2.55
C THR B 159 -7.20 -30.47 -2.73
N LYS B 160 -6.88 -30.97 -3.92
CA LYS B 160 -5.64 -31.71 -4.09
C LYS B 160 -4.97 -31.35 -5.41
N VAL B 161 -3.75 -30.85 -5.32
CA VAL B 161 -2.88 -30.69 -6.48
C VAL B 161 -2.27 -32.04 -6.82
N GLU B 162 -2.61 -32.58 -7.99
CA GLU B 162 -2.22 -33.93 -8.36
C GLU B 162 -0.86 -33.98 -9.04
N SER B 163 -0.51 -32.93 -9.78
CA SER B 163 0.75 -32.86 -10.50
C SER B 163 0.88 -31.49 -11.12
N TRP B 164 2.09 -31.19 -11.58
CA TRP B 164 2.39 -29.98 -12.34
C TRP B 164 2.78 -30.42 -13.74
N GLY B 165 2.07 -29.90 -14.74
CA GLY B 165 2.28 -30.31 -16.12
C GLY B 165 2.94 -29.21 -16.91
N GLY B 166 3.59 -29.55 -18.02
CA GLY B 166 4.25 -28.57 -18.85
C GLY B 166 3.26 -27.90 -19.81
N ALA B 167 3.81 -27.07 -20.68
CA ALA B 167 2.94 -26.27 -21.56
C ALA B 167 2.20 -27.13 -22.56
N GLU B 168 2.80 -28.24 -23.00
CA GLU B 168 2.09 -29.08 -23.97
C GLU B 168 0.90 -29.78 -23.32
N GLU B 169 1.05 -30.29 -22.10
CA GLU B 169 -0.11 -30.81 -21.37
C GLU B 169 -1.13 -29.70 -21.12
N ALA B 170 -0.67 -28.49 -20.79
CA ALA B 170 -1.60 -27.38 -20.58
C ALA B 170 -2.39 -27.07 -21.85
N LYS B 171 -1.74 -27.14 -23.02
CA LYS B 171 -2.45 -26.90 -24.28
C LYS B 171 -3.53 -27.95 -24.51
N LYS B 172 -3.25 -29.21 -24.16
CA LYS B 172 -4.25 -30.24 -24.36
C LYS B 172 -5.47 -29.96 -23.50
N VAL B 173 -5.25 -29.55 -22.25
CA VAL B 173 -6.35 -29.19 -21.35
C VAL B 173 -7.16 -28.04 -21.94
N ILE B 174 -6.49 -27.01 -22.44
CA ILE B 174 -7.19 -25.88 -23.06
C ILE B 174 -8.02 -26.34 -24.25
N LYS B 175 -7.42 -27.14 -25.14
CA LYS B 175 -8.16 -27.58 -26.32
C LYS B 175 -9.36 -28.43 -25.96
N GLU B 176 -9.25 -29.26 -24.92
CA GLU B 176 -10.40 -30.02 -24.44
C GLU B 176 -11.50 -29.10 -23.94
N SER B 177 -11.12 -28.02 -23.26
CA SER B 177 -12.10 -27.09 -22.72
C SER B 177 -12.72 -26.22 -23.82
N ILE B 178 -11.98 -25.94 -24.90
CA ILE B 178 -12.57 -25.28 -26.05
C ILE B 178 -13.65 -26.16 -26.67
N GLU B 179 -13.39 -27.47 -26.75
CA GLU B 179 -14.36 -28.37 -27.35
C GLU B 179 -15.65 -28.38 -26.54
N ARG B 180 -15.56 -28.46 -25.21
CA ARG B 180 -16.75 -28.43 -24.37
C ARG B 180 -17.55 -27.15 -24.60
N TRP B 181 -16.87 -26.01 -24.64
CA TRP B 181 -17.55 -24.74 -24.87
C TRP B 181 -18.29 -24.76 -26.20
N ASN B 182 -17.62 -25.22 -27.25
CA ASN B 182 -18.26 -25.21 -28.57
C ASN B 182 -19.49 -26.10 -28.61
N LYS B 183 -19.48 -27.20 -27.85
CA LYS B 183 -20.61 -28.12 -27.81
C LYS B 183 -21.77 -27.58 -26.99
N GLN B 184 -21.57 -26.51 -26.23
CA GLN B 184 -22.59 -26.00 -25.31
C GLN B 184 -23.38 -24.85 -25.94
N ASP C 11 -18.95 1.41 -23.85
CA ASP C 11 -18.21 2.01 -24.96
C ASP C 11 -18.16 3.52 -24.80
N PHE C 12 -17.02 4.01 -24.33
CA PHE C 12 -16.90 5.42 -23.98
C PHE C 12 -17.00 6.34 -25.18
N ASN C 13 -16.59 5.88 -26.36
CA ASN C 13 -16.65 6.73 -27.55
C ASN C 13 -18.07 6.95 -28.06
N GLN C 14 -19.05 6.18 -27.58
CA GLN C 14 -20.44 6.41 -27.93
C GLN C 14 -21.22 7.12 -26.83
N ILE C 15 -20.87 6.90 -25.56
CA ILE C 15 -21.58 7.56 -24.48
C ILE C 15 -21.01 8.95 -24.17
N LEU C 16 -19.74 9.19 -24.48
CA LEU C 16 -19.05 10.42 -24.11
C LEU C 16 -18.58 11.16 -25.34
N THR C 17 -18.76 12.48 -25.31
CA THR C 17 -18.16 13.38 -26.29
C THR C 17 -16.86 13.91 -25.69
N PRO C 18 -16.08 14.71 -26.41
CA PRO C 18 -14.89 15.30 -25.78
C PRO C 18 -15.23 16.27 -24.66
N GLY C 19 -16.42 16.84 -24.64
CA GLY C 19 -16.79 17.78 -23.60
C GLY C 19 -16.72 19.24 -24.02
N ASP C 20 -16.45 20.11 -23.04
CA ASP C 20 -16.43 21.55 -23.27
C ASP C 20 -15.00 22.00 -23.61
N VAL C 21 -14.61 21.78 -24.86
CA VAL C 21 -13.23 22.06 -25.28
C VAL C 21 -12.92 23.54 -25.22
N ASP C 22 -13.86 24.38 -25.66
CA ASP C 22 -13.62 25.82 -25.63
C ASP C 22 -13.50 26.34 -24.20
N GLY C 23 -14.31 25.80 -23.28
CA GLY C 23 -14.19 26.10 -21.87
C GLY C 23 -13.07 25.39 -21.14
N GLY C 24 -12.33 24.51 -21.80
CA GLY C 24 -11.23 23.83 -21.15
C GLY C 24 -11.63 22.77 -20.15
N ILE C 25 -12.88 22.31 -20.17
CA ILE C 25 -13.35 21.23 -19.31
C ILE C 25 -13.77 20.09 -20.21
N ILE C 26 -12.98 19.02 -20.24
CA ILE C 26 -13.19 17.93 -21.18
C ILE C 26 -13.51 16.64 -20.42
N ASN C 27 -13.95 15.62 -21.17
CA ASN C 27 -14.15 14.29 -20.62
C ASN C 27 -12.88 13.45 -20.84
N VAL C 28 -12.46 12.76 -19.79
CA VAL C 28 -11.25 11.94 -19.79
C VAL C 28 -11.60 10.57 -19.22
N VAL C 29 -11.13 9.53 -19.89
CA VAL C 29 -11.28 8.15 -19.44
C VAL C 29 -9.90 7.67 -18.99
N ASN C 30 -9.81 7.17 -17.76
CA ASN C 30 -8.52 6.76 -17.21
C ASN C 30 -8.19 5.33 -17.63
N GLU C 31 -6.94 5.12 -18.04
CA GLU C 31 -6.44 3.80 -18.43
C GLU C 31 -5.45 3.22 -17.43
N ILE C 32 -4.47 4.02 -16.97
CA ILE C 32 -3.37 3.53 -16.15
C ILE C 32 -3.33 4.35 -14.87
N PRO C 33 -3.40 3.72 -13.69
CA PRO C 33 -3.19 4.47 -12.44
C PRO C 33 -1.76 4.97 -12.34
N ALA C 34 -1.60 6.20 -11.83
CA ALA C 34 -0.27 6.71 -11.53
C ALA C 34 0.48 5.71 -10.66
N GLY C 35 1.79 5.55 -10.93
CA GLY C 35 2.62 4.64 -10.19
C GLY C 35 2.61 3.20 -10.67
N SER C 36 1.79 2.88 -11.68
CA SER C 36 1.71 1.52 -12.21
C SER C 36 2.70 1.32 -13.36
N ASN C 37 3.31 0.13 -13.42
CA ASN C 37 4.11 -0.27 -14.59
C ASN C 37 3.35 -1.24 -15.48
N HIS C 38 2.02 -1.21 -15.43
CA HIS C 38 1.18 -2.00 -16.31
C HIS C 38 0.68 -1.11 -17.44
N LYS C 39 1.02 -1.46 -18.69
CA LYS C 39 0.57 -0.65 -19.83
C LYS C 39 -0.82 -1.14 -20.21
N ILE C 40 -1.83 -0.40 -19.78
CA ILE C 40 -3.22 -0.70 -20.05
C ILE C 40 -3.74 0.30 -21.08
N GLU C 41 -4.52 -0.21 -22.04
CA GLU C 41 -5.05 0.61 -23.11
C GLU C 41 -6.50 0.24 -23.35
N TRP C 42 -7.34 1.24 -23.59
CA TRP C 42 -8.70 0.97 -24.02
C TRP C 42 -8.67 0.40 -25.44
N ASN C 43 -9.23 -0.79 -25.61
CA ASN C 43 -9.32 -1.45 -26.91
C ASN C 43 -10.64 -1.06 -27.53
N ARG C 44 -10.60 -0.06 -28.43
CA ARG C 44 -11.83 0.48 -29.01
C ARG C 44 -12.63 -0.59 -29.73
N LYS C 45 -11.96 -1.55 -30.35
CA LYS C 45 -12.66 -2.60 -31.09
C LYS C 45 -13.48 -3.48 -30.14
N LEU C 46 -12.84 -3.96 -29.07
CA LEU C 46 -13.48 -4.87 -28.13
C LEU C 46 -14.31 -4.15 -27.05
N ALA C 47 -14.11 -2.84 -26.90
CA ALA C 47 -14.75 -2.07 -25.82
C ALA C 47 -14.36 -2.64 -24.46
N ALA C 48 -13.05 -2.82 -24.26
CA ALA C 48 -12.53 -3.36 -23.00
C ALA C 48 -11.11 -2.86 -22.82
N PHE C 49 -10.65 -2.89 -21.57
CA PHE C 49 -9.29 -2.47 -21.24
C PHE C 49 -8.34 -3.66 -21.33
N GLN C 50 -7.23 -3.48 -22.06
CA GLN C 50 -6.27 -4.54 -22.32
C GLN C 50 -4.94 -4.19 -21.68
N LEU C 51 -4.36 -5.13 -20.95
CA LEU C 51 -2.98 -5.03 -20.49
C LEU C 51 -2.09 -5.40 -21.65
N ASP C 52 -1.51 -4.38 -22.31
CA ASP C 52 -0.65 -4.66 -23.46
C ASP C 52 0.62 -5.37 -23.05
N ARG C 53 1.23 -4.93 -21.94
CA ARG C 53 2.54 -5.44 -21.54
C ARG C 53 2.86 -4.93 -20.14
N ILE C 54 3.84 -5.58 -19.52
CA ILE C 54 4.45 -5.08 -18.29
C ILE C 54 5.65 -4.24 -18.68
N GLU C 55 5.74 -3.01 -18.11
CA GLU C 55 6.85 -2.11 -18.32
C GLU C 55 7.90 -2.32 -17.21
N PRO C 56 9.15 -1.92 -17.45
CA PRO C 56 10.12 -1.91 -16.35
C PRO C 56 9.56 -1.13 -15.16
N ALA C 57 9.76 -1.69 -13.97
CA ALA C 57 9.26 -1.07 -12.76
C ALA C 57 9.89 0.30 -12.52
N ILE C 58 11.12 0.53 -12.99
CA ILE C 58 11.71 1.86 -12.84
C ILE C 58 11.00 2.91 -13.69
N PHE C 59 10.15 2.50 -14.62
CA PHE C 59 9.38 3.41 -15.47
C PHE C 59 7.89 3.31 -15.18
N ALA C 60 7.52 3.17 -13.91
CA ALA C 60 6.13 3.33 -13.53
C ALA C 60 5.65 4.71 -13.96
N LYS C 61 4.39 4.78 -14.38
CA LYS C 61 3.84 6.01 -14.92
C LYS C 61 3.88 7.14 -13.89
N PRO C 62 4.37 8.33 -14.24
CA PRO C 62 4.47 9.39 -13.23
C PRO C 62 3.18 10.13 -12.97
N THR C 63 2.21 10.03 -13.87
CA THR C 63 0.84 10.52 -13.70
C THR C 63 -0.11 9.40 -14.07
N ASN C 64 -1.40 9.61 -13.78
CA ASN C 64 -2.41 8.77 -14.40
C ASN C 64 -2.38 8.99 -15.91
N TYR C 65 -2.74 7.96 -16.66
CA TYR C 65 -2.68 7.98 -18.10
C TYR C 65 -4.06 7.66 -18.65
N GLY C 66 -4.61 8.53 -19.50
CA GLY C 66 -5.94 8.33 -20.02
C GLY C 66 -6.13 8.79 -21.45
N PHE C 67 -7.37 8.92 -21.93
CA PHE C 67 -7.64 9.41 -23.29
C PHE C 67 -8.92 10.24 -23.30
N ILE C 68 -9.09 11.00 -24.38
CA ILE C 68 -10.29 11.81 -24.62
C ILE C 68 -11.20 11.05 -25.58
N PRO C 69 -12.47 10.80 -25.23
CA PRO C 69 -13.37 10.13 -26.16
C PRO C 69 -13.58 10.92 -27.45
N GLN C 70 -13.80 10.18 -28.54
CA GLN C 70 -14.12 10.78 -29.84
C GLN C 70 -13.03 11.72 -30.33
N THR C 71 -11.77 11.30 -30.17
CA THR C 71 -10.62 12.01 -30.70
C THR C 71 -9.69 10.99 -31.35
N LEU C 72 -8.88 11.47 -32.30
CA LEU C 72 -7.90 10.63 -32.96
C LEU C 72 -6.60 11.41 -33.12
N ASP C 73 -5.53 10.87 -32.59
CA ASP C 73 -4.22 11.43 -32.86
C ASP C 73 -3.61 10.62 -34.01
N GLU C 74 -2.33 10.84 -34.29
CA GLU C 74 -1.75 10.22 -35.49
C GLU C 74 -1.52 8.71 -35.31
N ASP C 75 -1.31 8.23 -34.07
CA ASP C 75 -1.10 6.79 -33.82
C ASP C 75 -2.38 5.96 -34.03
N GLY C 76 -3.46 6.61 -34.47
CA GLY C 76 -4.72 5.93 -34.71
C GLY C 76 -5.53 5.67 -33.46
N ASP C 77 -5.04 6.06 -32.29
CA ASP C 77 -5.76 5.93 -31.03
C ASP C 77 -6.30 7.30 -30.62
N GLU C 78 -7.17 7.29 -29.61
CA GLU C 78 -7.67 8.53 -29.06
C GLU C 78 -6.51 9.33 -28.47
N LEU C 79 -6.70 10.64 -28.41
CA LEU C 79 -5.66 11.55 -27.91
C LEU C 79 -5.38 11.25 -26.44
N ASP C 80 -4.10 11.12 -26.07
CA ASP C 80 -3.72 10.71 -24.72
C ASP C 80 -3.86 11.86 -23.71
N VAL C 81 -3.99 11.49 -22.44
CA VAL C 81 -4.12 12.46 -21.35
C VAL C 81 -3.16 12.06 -20.23
N LEU C 82 -2.42 13.03 -19.71
CA LEU C 82 -1.67 12.90 -18.47
C LEU C 82 -2.47 13.60 -17.39
N LEU C 83 -3.11 12.82 -16.51
CA LEU C 83 -4.00 13.34 -15.48
C LEU C 83 -3.26 13.29 -14.15
N VAL C 84 -3.06 14.46 -13.54
CA VAL C 84 -2.26 14.62 -12.34
C VAL C 84 -3.21 14.58 -11.15
N THR C 85 -2.99 13.63 -10.24
CA THR C 85 -3.72 13.61 -8.98
C THR C 85 -2.77 13.27 -7.84
N GLU C 86 -3.21 13.51 -6.60
CA GLU C 86 -2.41 13.18 -5.44
C GLU C 86 -2.36 11.67 -5.20
N GLN C 87 -3.48 10.98 -5.42
CA GLN C 87 -3.59 9.54 -5.26
C GLN C 87 -4.08 8.92 -6.56
N PRO C 88 -3.61 7.73 -6.94
CA PRO C 88 -3.89 7.20 -8.28
C PRO C 88 -5.37 6.96 -8.50
N LEU C 89 -5.77 7.06 -9.75
CA LEU C 89 -7.13 6.80 -10.19
C LEU C 89 -7.22 5.41 -10.80
N ALA C 90 -8.32 4.69 -10.51
CA ALA C 90 -8.46 3.34 -11.02
C ALA C 90 -8.69 3.34 -12.53
N THR C 91 -8.29 2.23 -13.18
CA THR C 91 -8.61 2.00 -14.58
C THR C 91 -10.13 1.97 -14.79
N GLY C 92 -10.59 2.70 -15.81
CA GLY C 92 -11.96 2.58 -16.25
C GLY C 92 -12.92 3.64 -15.75
N VAL C 93 -12.47 4.52 -14.86
CA VAL C 93 -13.26 5.63 -14.36
CA VAL C 93 -13.32 5.60 -14.41
C VAL C 93 -13.14 6.78 -15.34
N PHE C 94 -14.23 7.52 -15.57
CA PHE C 94 -14.13 8.73 -16.38
C PHE C 94 -14.43 9.95 -15.53
N LEU C 95 -14.02 11.12 -16.02
CA LEU C 95 -14.23 12.33 -15.23
C LEU C 95 -14.18 13.55 -16.14
N GLU C 96 -14.75 14.65 -15.62
CA GLU C 96 -14.54 15.95 -16.22
C GLU C 96 -13.22 16.53 -15.70
N ALA C 97 -12.37 16.97 -16.62
CA ALA C 97 -11.01 17.36 -16.29
C ALA C 97 -10.70 18.74 -16.87
N ARG C 98 -9.96 19.52 -16.10
CA ARG C 98 -9.50 20.83 -16.54
C ARG C 98 -8.23 20.68 -17.36
N VAL C 99 -8.24 21.23 -18.57
CA VAL C 99 -7.06 21.25 -19.43
C VAL C 99 -6.12 22.34 -18.92
N ILE C 100 -4.89 21.96 -18.57
CA ILE C 100 -3.89 22.95 -18.15
C ILE C 100 -2.68 23.03 -19.06
N GLY C 101 -2.46 22.07 -19.94
CA GLY C 101 -1.36 22.22 -20.90
C GLY C 101 -1.31 21.03 -21.84
N VAL C 102 -0.20 20.93 -22.57
CA VAL C 102 0.03 19.83 -23.52
C VAL C 102 1.52 19.53 -23.59
N MET C 103 1.84 18.23 -23.62
CA MET C 103 3.21 17.77 -23.85
C MET C 103 3.32 17.37 -25.31
N LYS C 104 4.08 18.14 -26.09
CA LYS C 104 4.36 17.77 -27.48
C LYS C 104 5.35 16.62 -27.49
N PHE C 105 5.06 15.59 -28.27
CA PHE C 105 5.77 14.33 -28.09
C PHE C 105 5.84 13.57 -29.39
N VAL C 106 7.00 12.99 -29.67
CA VAL C 106 7.16 12.08 -30.80
CA VAL C 106 7.17 12.08 -30.80
C VAL C 106 7.63 10.74 -30.25
N ASP C 107 6.92 9.68 -30.63
CA ASP C 107 7.18 8.33 -30.16
C ASP C 107 7.43 7.48 -31.39
N ASP C 108 8.67 7.01 -31.56
CA ASP C 108 9.04 6.06 -32.61
C ASP C 108 8.55 6.52 -33.98
N GLY C 109 8.79 7.79 -34.29
CA GLY C 109 8.52 8.32 -35.60
C GLY C 109 7.24 9.14 -35.73
N GLU C 110 6.29 9.01 -34.81
CA GLU C 110 5.00 9.65 -34.99
C GLU C 110 4.67 10.59 -33.85
N VAL C 111 3.89 11.61 -34.18
CA VAL C 111 3.40 12.54 -33.17
C VAL C 111 2.42 11.81 -32.25
N ASP C 112 2.60 11.98 -30.96
CA ASP C 112 1.75 11.36 -29.98
C ASP C 112 1.66 12.33 -28.79
N ASP C 113 1.08 13.51 -29.04
CA ASP C 113 0.95 14.54 -28.01
C ASP C 113 0.04 14.06 -26.87
N LYS C 114 0.24 14.66 -25.70
CA LYS C 114 -0.50 14.26 -24.51
C LYS C 114 -1.01 15.50 -23.80
N ILE C 115 -2.32 15.55 -23.58
CA ILE C 115 -2.95 16.69 -22.92
C ILE C 115 -2.75 16.55 -21.41
N VAL C 116 -2.31 17.63 -20.76
CA VAL C 116 -2.10 17.62 -19.31
C VAL C 116 -3.35 18.15 -18.64
N CYS C 117 -3.88 17.39 -17.68
CA CYS C 117 -5.18 17.64 -17.09
C CYS C 117 -5.12 17.40 -15.59
N VAL C 118 -6.03 18.07 -14.88
CA VAL C 118 -6.34 17.73 -13.48
C VAL C 118 -7.85 17.56 -13.40
N PRO C 119 -8.35 16.94 -12.32
CA PRO C 119 -9.81 16.87 -12.15
C PRO C 119 -10.39 18.27 -12.08
N ALA C 120 -11.57 18.46 -12.70
CA ALA C 120 -12.14 19.79 -12.76
C ALA C 120 -12.59 20.27 -11.38
N ASP C 121 -12.97 19.34 -10.52
CA ASP C 121 -13.50 19.64 -9.19
C ASP C 121 -12.58 18.94 -8.19
N ASP C 122 -11.59 19.67 -7.65
CA ASP C 122 -10.60 19.13 -6.73
C ASP C 122 -10.77 19.86 -5.40
N ARG C 123 -11.51 19.27 -4.47
CA ARG C 123 -11.70 19.88 -3.16
C ARG C 123 -10.65 19.45 -2.16
N ASN C 124 -9.65 18.69 -2.61
CA ASN C 124 -8.51 18.35 -1.76
C ASN C 124 -7.47 19.46 -1.81
N ASN C 125 -7.15 19.99 -2.98
CA ASN C 125 -6.24 21.12 -3.05
C ASN C 125 -6.94 22.42 -3.43
N GLY C 126 -8.27 22.41 -3.50
CA GLY C 126 -8.99 23.63 -3.80
C GLY C 126 -8.77 24.14 -5.20
N ASN C 127 -8.67 23.23 -6.18
CA ASN C 127 -8.43 23.61 -7.57
C ASN C 127 -7.16 24.46 -7.69
N ALA C 128 -6.10 23.97 -7.06
CA ALA C 128 -4.86 24.74 -6.97
C ALA C 128 -4.13 24.83 -8.31
N TYR C 129 -4.43 23.94 -9.24
CA TYR C 129 -3.68 23.83 -10.49
C TYR C 129 -4.57 24.22 -11.65
N LYS C 130 -4.34 25.42 -12.20
CA LYS C 130 -5.06 25.88 -13.37
C LYS C 130 -4.18 26.09 -14.60
N THR C 131 -2.87 26.26 -14.41
CA THR C 131 -1.93 26.36 -15.52
CA THR C 131 -1.90 26.44 -15.48
C THR C 131 -0.71 25.52 -15.19
N LEU C 132 0.11 25.24 -16.22
CA LEU C 132 1.31 24.44 -15.98
C LEU C 132 2.23 25.11 -14.97
N SER C 133 2.29 26.44 -15.00
CA SER C 133 3.10 27.18 -14.03
C SER C 133 2.62 26.94 -12.60
N ASP C 134 1.38 26.48 -12.40
CA ASP C 134 0.95 26.15 -11.05
C ASP C 134 1.58 24.86 -10.54
N LEU C 135 1.98 23.94 -11.45
CA LEU C 135 2.63 22.71 -10.98
C LEU C 135 4.08 23.00 -10.60
N PRO C 136 4.66 22.23 -9.68
CA PRO C 136 6.10 22.35 -9.44
C PRO C 136 6.85 22.04 -10.72
N GLN C 137 7.80 22.92 -11.08
CA GLN C 137 8.62 22.69 -12.26
C GLN C 137 9.32 21.35 -12.21
N GLN C 138 9.72 20.89 -11.02
CA GLN C 138 10.42 19.62 -10.93
C GLN C 138 9.52 18.45 -11.29
N LEU C 139 8.20 18.59 -11.13
CA LEU C 139 7.30 17.54 -11.56
C LEU C 139 7.26 17.44 -13.08
N ILE C 140 7.16 18.58 -13.75
CA ILE C 140 7.25 18.62 -15.22
C ILE C 140 8.56 18.00 -15.69
N LYS C 141 9.67 18.37 -15.04
CA LYS C 141 10.97 17.81 -15.43
C LYS C 141 11.00 16.30 -15.27
N GLN C 142 10.36 15.77 -14.22
CA GLN C 142 10.28 14.32 -14.05
C GLN C 142 9.45 13.66 -15.14
N ILE C 143 8.29 14.24 -15.46
CA ILE C 143 7.47 13.70 -16.54
C ILE C 143 8.25 13.74 -17.85
N GLU C 144 8.90 14.85 -18.14
CA GLU C 144 9.73 14.94 -19.34
C GLU C 144 10.76 13.81 -19.37
N PHE C 145 11.48 13.62 -18.26
CA PHE C 145 12.51 12.57 -18.23
C PHE C 145 11.88 11.20 -18.49
N HIS C 146 10.77 10.90 -17.82
CA HIS C 146 10.09 9.62 -18.02
C HIS C 146 9.78 9.38 -19.49
N PHE C 147 9.17 10.36 -20.15
CA PHE C 147 8.76 10.08 -21.52
C PHE C 147 9.91 10.13 -22.50
N ASN C 148 11.02 10.74 -22.12
CA ASN C 148 12.23 10.72 -22.92
C ASN C 148 12.99 9.41 -22.79
N HIS C 149 12.73 8.63 -21.74
CA HIS C 149 13.56 7.46 -21.47
C HIS C 149 12.82 6.14 -21.27
N TYR C 150 11.48 6.11 -21.32
CA TYR C 150 10.78 4.91 -20.85
C TYR C 150 10.93 3.71 -21.78
N LYS C 151 11.40 3.90 -23.01
CA LYS C 151 11.67 2.78 -23.90
C LYS C 151 13.16 2.45 -24.00
N ASP C 152 14.00 3.07 -23.17
CA ASP C 152 15.45 2.96 -23.33
C ASP C 152 15.97 1.55 -23.14
N LEU C 153 15.30 0.70 -22.35
CA LEU C 153 15.85 -0.63 -22.16
C LEU C 153 15.67 -1.52 -23.38
N LYS C 154 14.72 -1.17 -24.25
CA LYS C 154 14.57 -1.86 -25.53
C LYS C 154 15.41 -1.20 -26.61
N LYS C 155 15.31 0.12 -26.75
CA LYS C 155 16.12 0.86 -27.70
C LYS C 155 16.03 2.34 -27.36
N ALA C 156 17.17 2.94 -27.01
CA ALA C 156 17.22 4.35 -26.66
C ALA C 156 17.11 5.25 -27.89
N GLY C 157 16.75 6.50 -27.65
CA GLY C 157 16.74 7.50 -28.69
C GLY C 157 15.53 7.48 -29.61
N THR C 158 14.44 6.81 -29.23
CA THR C 158 13.28 6.76 -30.11
C THR C 158 12.10 7.62 -29.64
N THR C 159 12.18 8.22 -28.47
CA THR C 159 11.11 9.04 -27.92
C THR C 159 11.67 10.43 -27.63
N LYS C 160 10.86 11.47 -27.85
CA LYS C 160 11.36 12.81 -27.59
C LYS C 160 10.22 13.73 -27.16
N VAL C 161 10.33 14.28 -25.95
CA VAL C 161 9.46 15.38 -25.55
C VAL C 161 9.94 16.64 -26.27
N GLU C 162 9.11 17.14 -27.19
CA GLU C 162 9.53 18.22 -28.06
C GLU C 162 9.44 19.56 -27.34
N SER C 163 8.41 19.75 -26.55
CA SER C 163 8.11 21.06 -25.97
C SER C 163 6.83 20.91 -25.16
N TRP C 164 6.52 21.96 -24.43
CA TRP C 164 5.32 22.05 -23.62
C TRP C 164 4.57 23.30 -24.04
N GLY C 165 3.24 23.20 -24.11
CA GLY C 165 2.40 24.36 -24.36
C GLY C 165 1.35 24.49 -23.26
N GLY C 166 0.75 25.69 -23.19
CA GLY C 166 -0.30 25.95 -22.24
C GLY C 166 -1.66 25.49 -22.72
N ALA C 167 -2.70 26.03 -22.07
CA ALA C 167 -4.05 25.53 -22.27
C ALA C 167 -4.64 25.89 -23.63
N GLU C 168 -4.26 27.02 -24.21
CA GLU C 168 -4.77 27.35 -25.53
C GLU C 168 -4.08 26.51 -26.60
N GLU C 169 -2.78 26.26 -26.45
CA GLU C 169 -2.10 25.32 -27.34
C GLU C 169 -2.72 23.93 -27.24
N ALA C 170 -3.07 23.52 -26.02
CA ALA C 170 -3.69 22.21 -25.83
C ALA C 170 -5.06 22.15 -26.50
N LYS C 171 -5.85 23.23 -26.39
CA LYS C 171 -7.15 23.28 -27.04
C LYS C 171 -7.02 23.11 -28.55
N LYS C 172 -5.98 23.70 -29.15
CA LYS C 172 -5.79 23.55 -30.59
C LYS C 172 -5.51 22.09 -30.96
N VAL C 173 -4.66 21.40 -30.19
CA VAL C 173 -4.40 19.99 -30.43
C VAL C 173 -5.69 19.16 -30.29
N ILE C 174 -6.49 19.45 -29.25
CA ILE C 174 -7.74 18.71 -29.04
C ILE C 174 -8.68 18.90 -30.22
N LYS C 175 -8.85 20.15 -30.67
CA LYS C 175 -9.72 20.41 -31.82
C LYS C 175 -9.22 19.70 -33.07
N GLU C 176 -7.90 19.64 -33.25
CA GLU C 176 -7.37 18.92 -34.42
C GLU C 176 -7.71 17.44 -34.35
N SER C 177 -7.65 16.86 -33.16
CA SER C 177 -7.93 15.43 -32.99
C SER C 177 -9.42 15.15 -33.08
N ILE C 178 -10.26 16.11 -32.68
CA ILE C 178 -11.69 15.98 -32.91
C ILE C 178 -11.98 15.89 -34.41
N GLU C 179 -11.30 16.73 -35.20
CA GLU C 179 -11.56 16.72 -36.64
C GLU C 179 -11.11 15.39 -37.26
N ARG C 180 -9.99 14.83 -36.80
CA ARG C 180 -9.54 13.53 -37.32
C ARG C 180 -10.54 12.43 -36.99
N TRP C 181 -11.10 12.44 -35.77
CA TRP C 181 -12.13 11.47 -35.43
C TRP C 181 -13.33 11.58 -36.37
N ASN C 182 -13.83 12.80 -36.56
CA ASN C 182 -15.02 12.99 -37.38
C ASN C 182 -14.81 12.51 -38.81
N LYS C 183 -13.60 12.64 -39.33
CA LYS C 183 -13.32 12.31 -40.72
C LYS C 183 -12.81 10.89 -40.91
N GLN C 184 -12.65 10.12 -39.85
CA GLN C 184 -12.11 8.77 -39.98
C GLN C 184 -13.03 7.86 -40.80
N ASP D 11 24.42 1.58 18.14
CA ASP D 11 25.54 1.77 17.22
C ASP D 11 25.93 0.44 16.57
N PHE D 12 25.68 0.32 15.27
CA PHE D 12 25.86 -0.95 14.57
C PHE D 12 27.33 -1.27 14.31
N ASN D 13 28.20 -0.27 14.20
CA ASN D 13 29.60 -0.51 13.85
C ASN D 13 30.47 -0.90 15.04
N GLN D 14 29.89 -1.08 16.22
CA GLN D 14 30.61 -1.60 17.39
C GLN D 14 30.09 -2.96 17.83
N ILE D 15 28.78 -3.18 17.77
CA ILE D 15 28.21 -4.49 18.07
C ILE D 15 28.41 -5.45 16.90
N LEU D 16 28.19 -4.99 15.68
CA LEU D 16 28.21 -5.83 14.50
C LEU D 16 29.53 -5.70 13.78
N THR D 17 30.06 -6.84 13.34
CA THR D 17 31.23 -6.92 12.48
C THR D 17 30.78 -7.15 11.04
N PRO D 18 31.70 -7.08 10.07
CA PRO D 18 31.29 -7.37 8.69
C PRO D 18 30.81 -8.81 8.48
N GLY D 19 31.21 -9.74 9.34
CA GLY D 19 30.78 -11.12 9.21
C GLY D 19 31.76 -12.03 8.48
N ASP D 20 31.24 -13.04 7.80
CA ASP D 20 32.06 -14.11 7.21
C ASP D 20 32.34 -13.76 5.74
N VAL D 21 33.24 -12.80 5.55
CA VAL D 21 33.57 -12.31 4.22
C VAL D 21 34.08 -13.44 3.32
N ASP D 22 34.94 -14.31 3.88
CA ASP D 22 35.49 -15.43 3.11
C ASP D 22 34.40 -16.39 2.67
N GLY D 23 33.40 -16.62 3.50
CA GLY D 23 32.30 -17.47 3.10
C GLY D 23 31.16 -16.79 2.36
N GLY D 24 31.28 -15.49 2.08
CA GLY D 24 30.23 -14.78 1.36
C GLY D 24 28.96 -14.54 2.12
N ILE D 25 28.97 -14.63 3.44
CA ILE D 25 27.81 -14.33 4.27
C ILE D 25 28.20 -13.16 5.16
N ILE D 26 27.64 -11.98 4.87
CA ILE D 26 28.06 -10.77 5.55
C ILE D 26 26.88 -10.18 6.30
N ASN D 27 27.19 -9.31 7.26
CA ASN D 27 26.17 -8.54 7.95
C ASN D 27 25.89 -7.26 7.17
N VAL D 28 24.61 -6.93 7.04
CA VAL D 28 24.14 -5.76 6.31
C VAL D 28 23.09 -5.05 7.14
N VAL D 29 23.19 -3.73 7.23
CA VAL D 29 22.19 -2.90 7.88
C VAL D 29 21.40 -2.17 6.80
N ASN D 30 20.08 -2.33 6.80
CA ASN D 30 19.27 -1.71 5.76
C ASN D 30 18.98 -0.23 6.08
N GLU D 31 19.12 0.64 5.07
CA GLU D 31 18.81 2.06 5.21
C GLU D 31 17.57 2.50 4.44
N ILE D 32 17.36 2.00 3.22
CA ILE D 32 16.31 2.49 2.35
C ILE D 32 15.47 1.31 1.87
N PRO D 33 14.16 1.31 2.12
CA PRO D 33 13.31 0.26 1.54
C PRO D 33 13.26 0.39 0.02
N ALA D 34 13.28 -0.75 -0.66
CA ALA D 34 13.06 -0.74 -2.10
C ALA D 34 11.77 0.03 -2.43
N GLY D 35 11.82 0.81 -3.50
CA GLY D 35 10.66 1.59 -3.91
C GLY D 35 10.51 2.93 -3.23
N SER D 36 11.39 3.29 -2.30
CA SER D 36 11.31 4.58 -1.62
C SER D 36 12.16 5.61 -2.37
N ASN D 37 11.66 6.85 -2.44
CA ASN D 37 12.45 7.97 -2.92
C ASN D 37 12.94 8.85 -1.79
N HIS D 38 13.14 8.26 -0.61
CA HIS D 38 13.68 8.97 0.53
C HIS D 38 15.13 8.56 0.68
N LYS D 39 16.06 9.51 0.53
CA LYS D 39 17.47 9.20 0.70
C LYS D 39 17.76 9.16 2.19
N ILE D 40 17.81 7.95 2.76
CA ILE D 40 18.12 7.75 4.17
C ILE D 40 19.53 7.20 4.29
N GLU D 41 20.25 7.66 5.30
CA GLU D 41 21.64 7.29 5.48
C GLU D 41 21.92 7.07 6.96
N TRP D 42 22.63 6.01 7.29
CA TRP D 42 23.13 5.85 8.65
C TRP D 42 24.18 6.92 8.94
N ASN D 43 23.98 7.66 10.04
CA ASN D 43 24.90 8.70 10.49
C ASN D 43 25.76 8.12 11.60
N ARG D 44 27.04 7.88 11.32
CA ARG D 44 27.91 7.23 12.28
C ARG D 44 28.14 8.08 13.52
N LYS D 45 28.27 9.40 13.33
CA LYS D 45 28.54 10.28 14.47
C LYS D 45 27.40 10.25 15.49
N LEU D 46 26.16 10.23 15.01
CA LEU D 46 24.99 10.29 15.87
C LEU D 46 24.38 8.93 16.17
N ALA D 47 24.81 7.87 15.48
CA ALA D 47 24.21 6.53 15.60
C ALA D 47 22.70 6.59 15.36
N ALA D 48 22.32 7.20 14.24
CA ALA D 48 20.91 7.38 13.90
C ALA D 48 20.79 7.41 12.38
N PHE D 49 19.59 7.10 11.90
CA PHE D 49 19.31 7.17 10.47
C PHE D 49 18.80 8.56 10.13
N GLN D 50 19.42 9.17 9.12
CA GLN D 50 19.09 10.53 8.70
C GLN D 50 18.47 10.49 7.31
N LEU D 51 17.36 11.21 7.15
CA LEU D 51 16.77 11.47 5.84
C LEU D 51 17.54 12.65 5.25
N ASP D 52 18.52 12.36 4.39
CA ASP D 52 19.31 13.43 3.77
C ASP D 52 18.42 14.31 2.90
N ARG D 53 17.65 13.70 2.00
CA ARG D 53 16.85 14.48 1.07
C ARG D 53 15.72 13.61 0.53
N ILE D 54 14.77 14.28 -0.12
CA ILE D 54 13.76 13.62 -0.94
C ILE D 54 14.31 13.59 -2.36
N GLU D 55 14.38 12.40 -2.96
CA GLU D 55 14.74 12.21 -4.36
C GLU D 55 13.52 12.37 -5.27
N PRO D 56 13.73 12.64 -6.55
CA PRO D 56 12.61 12.59 -7.49
C PRO D 56 11.88 11.27 -7.42
N ALA D 57 10.53 11.34 -7.39
CA ALA D 57 9.72 10.13 -7.29
C ALA D 57 10.01 9.15 -8.42
N ILE D 58 10.37 9.66 -9.61
CA ILE D 58 10.72 8.75 -10.71
C ILE D 58 11.98 7.95 -10.45
N PHE D 59 12.75 8.31 -9.42
CA PHE D 59 14.00 7.61 -9.09
C PHE D 59 13.91 6.91 -7.75
N ALA D 60 12.78 6.26 -7.47
CA ALA D 60 12.68 5.43 -6.29
C ALA D 60 13.71 4.31 -6.37
N LYS D 61 14.26 3.94 -5.23
CA LYS D 61 15.32 2.92 -5.20
C LYS D 61 14.81 1.62 -5.79
N PRO D 62 15.54 1.02 -6.74
CA PRO D 62 15.06 -0.23 -7.34
C PRO D 62 15.31 -1.46 -6.50
N THR D 63 16.19 -1.38 -5.49
CA THR D 63 16.41 -2.45 -4.53
C THR D 63 16.44 -1.82 -3.14
N ASN D 64 16.42 -2.66 -2.11
CA ASN D 64 16.77 -2.13 -0.80
C ASN D 64 18.22 -1.66 -0.84
N TYR D 65 18.54 -0.67 0.01
CA TYR D 65 19.84 -0.02 0.01
C TYR D 65 20.37 -0.04 1.43
N GLY D 66 21.56 -0.65 1.63
CA GLY D 66 22.11 -0.75 2.97
C GLY D 66 23.61 -0.52 3.05
N PHE D 67 24.24 -0.92 4.15
CA PHE D 67 25.70 -0.83 4.25
C PHE D 67 26.23 -1.99 5.07
N ILE D 68 27.54 -2.20 4.96
CA ILE D 68 28.25 -3.24 5.71
C ILE D 68 28.91 -2.59 6.91
N PRO D 69 28.62 -3.04 8.13
CA PRO D 69 29.27 -2.45 9.31
C PRO D 69 30.78 -2.59 9.25
N GLN D 70 31.46 -1.59 9.84
CA GLN D 70 32.91 -1.60 10.00
C GLN D 70 33.63 -1.75 8.66
N THR D 71 33.16 -0.99 7.66
CA THR D 71 33.81 -0.91 6.35
C THR D 71 33.91 0.55 5.93
N LEU D 72 34.90 0.85 5.09
CA LEU D 72 35.08 2.19 4.56
C LEU D 72 35.34 2.15 3.06
N ASP D 73 34.55 2.91 2.30
CA ASP D 73 34.76 3.09 0.87
C ASP D 73 35.51 4.40 0.62
N GLU D 74 35.52 4.84 -0.63
CA GLU D 74 36.27 6.04 -1.00
C GLU D 74 35.55 7.32 -0.56
N ASP D 75 34.23 7.25 -0.42
CA ASP D 75 33.42 8.40 -0.02
C ASP D 75 33.41 8.64 1.49
N GLY D 76 34.26 7.94 2.25
CA GLY D 76 34.31 8.09 3.69
C GLY D 76 33.16 7.45 4.44
N ASP D 77 32.15 6.93 3.75
CA ASP D 77 31.04 6.23 4.36
C ASP D 77 31.24 4.73 4.24
N GLU D 78 30.41 3.98 4.98
CA GLU D 78 30.48 2.53 4.93
C GLU D 78 30.10 2.04 3.52
N LEU D 79 30.66 0.88 3.16
CA LEU D 79 30.45 0.32 1.83
C LEU D 79 28.97 -0.02 1.60
N ASP D 80 28.44 0.39 0.45
CA ASP D 80 27.01 0.26 0.18
C ASP D 80 26.65 -1.15 -0.28
N VAL D 81 25.38 -1.49 -0.07
CA VAL D 81 24.81 -2.80 -0.38
C VAL D 81 23.51 -2.61 -1.15
N LEU D 82 23.37 -3.32 -2.27
CA LEU D 82 22.11 -3.45 -2.97
C LEU D 82 21.52 -4.79 -2.56
N LEU D 83 20.46 -4.77 -1.76
CA LEU D 83 19.88 -5.98 -1.19
C LEU D 83 18.55 -6.25 -1.89
N VAL D 84 18.47 -7.38 -2.58
CA VAL D 84 17.34 -7.68 -3.45
C VAL D 84 16.39 -8.60 -2.69
N THR D 85 15.14 -8.17 -2.54
CA THR D 85 14.08 -8.99 -1.96
C THR D 85 12.80 -8.81 -2.76
N GLU D 86 11.83 -9.70 -2.53
CA GLU D 86 10.53 -9.54 -3.19
C GLU D 86 9.72 -8.41 -2.57
N GLN D 87 9.77 -8.28 -1.24
CA GLN D 87 9.04 -7.27 -0.49
C GLN D 87 10.04 -6.37 0.24
N PRO D 88 9.79 -5.05 0.30
CA PRO D 88 10.80 -4.13 0.83
C PRO D 88 11.12 -4.38 2.28
N LEU D 89 12.35 -4.02 2.66
CA LEU D 89 12.84 -4.10 4.03
CA LEU D 89 12.82 -4.11 4.03
C LEU D 89 12.75 -2.74 4.70
N ALA D 90 12.33 -2.72 5.97
CA ALA D 90 12.31 -1.47 6.73
C ALA D 90 13.72 -0.94 7.02
N THR D 91 13.83 0.38 7.11
CA THR D 91 15.03 1.03 7.62
C THR D 91 15.36 0.50 9.02
N GLY D 92 16.62 0.15 9.25
CA GLY D 92 17.11 -0.09 10.60
C GLY D 92 17.21 -1.55 11.01
N VAL D 93 16.72 -2.49 10.23
CA VAL D 93 16.94 -3.88 10.57
C VAL D 93 18.23 -4.34 9.92
N PHE D 94 18.92 -5.28 10.57
CA PHE D 94 20.10 -5.89 9.98
C PHE D 94 19.84 -7.37 9.75
N LEU D 95 20.67 -7.96 8.91
CA LEU D 95 20.50 -9.35 8.51
C LEU D 95 21.84 -9.89 8.04
N GLU D 96 21.97 -11.21 8.10
CA GLU D 96 23.02 -11.90 7.38
C GLU D 96 22.59 -12.04 5.94
N ALA D 97 23.49 -11.71 5.01
CA ALA D 97 23.19 -11.63 3.59
C ALA D 97 24.25 -12.38 2.79
N ARG D 98 23.82 -13.02 1.72
CA ARG D 98 24.73 -13.76 0.84
C ARG D 98 25.23 -12.82 -0.25
N VAL D 99 26.55 -12.72 -0.38
CA VAL D 99 27.14 -11.92 -1.45
C VAL D 99 27.00 -12.63 -2.78
N ILE D 100 26.40 -11.96 -3.77
CA ILE D 100 26.27 -12.56 -5.10
C ILE D 100 26.92 -11.73 -6.21
N GLY D 101 27.40 -10.53 -5.95
CA GLY D 101 28.12 -9.79 -6.97
C GLY D 101 28.40 -8.38 -6.50
N VAL D 102 28.87 -7.56 -7.43
CA VAL D 102 29.23 -6.18 -7.13
C VAL D 102 28.96 -5.32 -8.35
N MET D 103 28.38 -4.15 -8.11
CA MET D 103 28.21 -3.10 -9.11
C MET D 103 29.36 -2.11 -8.94
N LYS D 104 30.34 -2.20 -9.82
CA LYS D 104 31.42 -1.21 -9.82
C LYS D 104 30.85 0.11 -10.33
N PHE D 105 31.16 1.19 -9.63
CA PHE D 105 30.39 2.41 -9.78
C PHE D 105 31.26 3.62 -9.43
N VAL D 106 31.17 4.68 -10.23
CA VAL D 106 31.81 5.95 -9.93
C VAL D 106 30.75 7.02 -9.78
N ASP D 107 30.83 7.80 -8.70
CA ASP D 107 29.85 8.82 -8.35
C ASP D 107 30.60 10.13 -8.11
N ASP D 108 30.43 11.09 -9.02
CA ASP D 108 31.02 12.42 -8.88
C ASP D 108 32.54 12.36 -8.70
N GLY D 109 33.17 11.40 -9.38
CA GLY D 109 34.61 11.25 -9.36
C GLY D 109 35.15 10.27 -8.33
N GLU D 110 34.34 9.84 -7.36
CA GLU D 110 34.78 8.93 -6.32
C GLU D 110 34.25 7.53 -6.58
N VAL D 111 35.07 6.53 -6.29
CA VAL D 111 34.62 5.14 -6.34
C VAL D 111 33.59 4.90 -5.24
N ASP D 112 32.45 4.34 -5.62
CA ASP D 112 31.40 4.04 -4.65
C ASP D 112 30.72 2.74 -5.09
N ASP D 113 31.49 1.65 -5.10
CA ASP D 113 30.99 0.34 -5.49
C ASP D 113 29.89 -0.11 -4.53
N LYS D 114 29.01 -0.97 -5.03
CA LYS D 114 27.89 -1.46 -4.23
C LYS D 114 27.80 -2.97 -4.33
N ILE D 115 27.81 -3.64 -3.18
CA ILE D 115 27.81 -5.09 -3.13
C ILE D 115 26.38 -5.58 -3.34
N VAL D 116 26.19 -6.52 -4.26
CA VAL D 116 24.86 -7.07 -4.49
C VAL D 116 24.67 -8.29 -3.60
N CYS D 117 23.54 -8.31 -2.89
CA CYS D 117 23.27 -9.26 -1.83
C CYS D 117 21.82 -9.69 -1.88
N VAL D 118 21.56 -10.89 -1.37
CA VAL D 118 20.21 -11.36 -1.03
C VAL D 118 20.25 -11.83 0.42
N PRO D 119 19.10 -11.99 1.06
CA PRO D 119 19.13 -12.53 2.43
C PRO D 119 19.73 -13.93 2.40
N ALA D 120 20.56 -14.25 3.40
CA ALA D 120 21.23 -15.55 3.43
C ALA D 120 20.22 -16.70 3.53
N ASP D 121 19.09 -16.47 4.17
CA ASP D 121 18.06 -17.49 4.42
C ASP D 121 16.76 -16.92 3.85
N ASP D 122 16.46 -17.24 2.59
CA ASP D 122 15.27 -16.71 1.93
C ASP D 122 14.33 -17.87 1.61
N ARG D 123 13.37 -18.09 2.49
CA ARG D 123 12.40 -19.15 2.29
C ARG D 123 11.19 -18.70 1.47
N ASN D 124 11.19 -17.47 0.95
CA ASN D 124 10.17 -17.13 -0.03
C ASN D 124 10.54 -17.58 -1.44
N ASN D 125 11.76 -17.29 -1.91
CA ASN D 125 12.19 -17.84 -3.20
C ASN D 125 13.07 -19.08 -3.03
N GLY D 126 13.24 -19.57 -1.81
CA GLY D 126 14.03 -20.78 -1.61
C GLY D 126 15.49 -20.61 -2.01
N ASN D 127 16.08 -19.48 -1.65
CA ASN D 127 17.48 -19.19 -1.97
C ASN D 127 17.75 -19.37 -3.46
N ALA D 128 16.85 -18.83 -4.27
CA ALA D 128 16.94 -19.00 -5.72
C ALA D 128 18.10 -18.22 -6.35
N TYR D 129 18.57 -17.15 -5.71
CA TYR D 129 19.60 -16.31 -6.32
C TYR D 129 20.92 -16.58 -5.61
N LYS D 130 21.77 -17.38 -6.27
CA LYS D 130 23.05 -17.76 -5.72
C LYS D 130 24.20 -17.09 -6.44
N THR D 131 23.94 -16.46 -7.57
CA THR D 131 24.97 -15.80 -8.35
C THR D 131 24.26 -14.68 -9.12
N LEU D 132 25.05 -13.69 -9.54
CA LEU D 132 24.48 -12.51 -10.19
C LEU D 132 23.60 -12.89 -11.38
N SER D 133 24.07 -13.81 -12.23
CA SER D 133 23.28 -14.11 -13.42
C SER D 133 22.02 -14.95 -13.12
N ASP D 134 21.77 -15.30 -11.85
CA ASP D 134 20.48 -15.89 -11.49
C ASP D 134 19.37 -14.85 -11.50
N LEU D 135 19.71 -13.58 -11.32
CA LEU D 135 18.74 -12.52 -11.44
C LEU D 135 18.33 -12.33 -12.90
N PRO D 136 17.10 -11.91 -13.16
CA PRO D 136 16.72 -11.56 -14.52
C PRO D 136 17.66 -10.52 -15.09
N GLN D 137 18.12 -10.74 -16.31
CA GLN D 137 18.98 -9.73 -16.94
C GLN D 137 18.30 -8.37 -16.95
N GLN D 138 16.98 -8.34 -17.11
CA GLN D 138 16.30 -7.05 -17.19
C GLN D 138 16.31 -6.33 -15.84
N LEU D 139 16.40 -7.05 -14.72
CA LEU D 139 16.53 -6.36 -13.43
C LEU D 139 17.88 -5.67 -13.33
N ILE D 140 18.96 -6.34 -13.78
CA ILE D 140 20.28 -5.73 -13.79
C ILE D 140 20.29 -4.46 -14.64
N LYS D 141 19.67 -4.54 -15.82
CA LYS D 141 19.59 -3.36 -16.69
C LYS D 141 18.87 -2.20 -16.03
N GLN D 142 17.77 -2.49 -15.29
CA GLN D 142 17.05 -1.43 -14.60
C GLN D 142 17.88 -0.81 -13.49
N ILE D 143 18.56 -1.64 -12.69
CA ILE D 143 19.45 -1.11 -11.65
C ILE D 143 20.55 -0.27 -12.29
N GLU D 144 21.11 -0.76 -13.40
CA GLU D 144 22.14 0.01 -14.11
C GLU D 144 21.60 1.36 -14.55
N PHE D 145 20.42 1.38 -15.17
CA PHE D 145 19.83 2.64 -15.62
C PHE D 145 19.61 3.59 -14.45
N HIS D 146 19.10 3.07 -13.34
CA HIS D 146 18.83 3.92 -12.18
C HIS D 146 20.09 4.63 -11.72
N PHE D 147 21.17 3.89 -11.51
CA PHE D 147 22.35 4.53 -10.96
C PHE D 147 23.09 5.36 -11.97
N ASN D 148 22.86 5.14 -13.27
CA ASN D 148 23.43 5.99 -14.29
C ASN D 148 22.72 7.33 -14.42
N HIS D 149 21.49 7.46 -13.87
CA HIS D 149 20.65 8.62 -14.18
C HIS D 149 20.02 9.29 -12.98
N TYR D 150 20.18 8.76 -11.76
CA TYR D 150 19.35 9.24 -10.67
C TYR D 150 19.69 10.65 -10.22
N LYS D 151 20.78 11.24 -10.70
CA LYS D 151 21.11 12.63 -10.39
C LYS D 151 20.89 13.55 -11.58
N ASP D 152 20.26 13.04 -12.65
CA ASP D 152 20.20 13.77 -13.92
C ASP D 152 19.43 15.07 -13.82
N LEU D 153 18.41 15.14 -12.96
CA LEU D 153 17.62 16.38 -12.90
C LEU D 153 18.39 17.52 -12.22
N LYS D 154 19.45 17.21 -11.48
CA LYS D 154 20.35 18.23 -10.98
C LYS D 154 21.47 18.50 -11.98
N LYS D 155 22.25 17.47 -12.30
CA LYS D 155 23.23 17.58 -13.38
C LYS D 155 23.54 16.18 -13.89
N ALA D 156 23.38 15.97 -15.20
CA ALA D 156 23.62 14.68 -15.81
C ALA D 156 25.12 14.41 -15.96
N GLY D 157 25.44 13.14 -16.18
CA GLY D 157 26.79 12.75 -16.55
C GLY D 157 27.80 12.68 -15.43
N THR D 158 27.37 12.59 -14.17
CA THR D 158 28.32 12.50 -13.07
C THR D 158 28.41 11.11 -12.44
N THR D 159 27.55 10.18 -12.82
CA THR D 159 27.56 8.83 -12.28
C THR D 159 27.75 7.84 -13.42
N LYS D 160 28.44 6.74 -13.13
CA LYS D 160 28.73 5.76 -14.18
C LYS D 160 28.85 4.36 -13.57
N VAL D 161 27.91 3.48 -13.92
CA VAL D 161 28.10 2.05 -13.66
C VAL D 161 29.17 1.53 -14.61
N GLU D 162 30.32 1.11 -14.05
CA GLU D 162 31.45 0.69 -14.87
C GLU D 162 31.36 -0.77 -15.30
N SER D 163 30.95 -1.65 -14.39
CA SER D 163 30.92 -3.09 -14.68
C SER D 163 30.13 -3.79 -13.60
N TRP D 164 29.78 -5.05 -13.87
CA TRP D 164 29.18 -5.92 -12.87
C TRP D 164 30.14 -7.07 -12.60
N GLY D 165 30.49 -7.27 -11.33
CA GLY D 165 31.42 -8.32 -10.97
C GLY D 165 30.76 -9.46 -10.24
N GLY D 166 31.42 -10.62 -10.20
CA GLY D 166 30.89 -11.75 -9.46
C GLY D 166 31.17 -11.63 -7.98
N ALA D 167 30.89 -12.73 -7.26
CA ALA D 167 31.03 -12.73 -5.82
C ALA D 167 32.49 -12.67 -5.38
N GLU D 168 33.42 -13.22 -6.18
CA GLU D 168 34.83 -13.19 -5.79
C GLU D 168 35.40 -11.78 -5.90
N GLU D 169 35.02 -11.02 -6.93
CA GLU D 169 35.43 -9.62 -7.00
C GLU D 169 34.76 -8.79 -5.91
N ALA D 170 33.52 -9.13 -5.57
CA ALA D 170 32.84 -8.47 -4.46
C ALA D 170 33.57 -8.74 -3.15
N LYS D 171 33.98 -9.99 -2.90
CA LYS D 171 34.74 -10.32 -1.69
C LYS D 171 36.01 -9.48 -1.59
N LYS D 172 36.70 -9.28 -2.71
CA LYS D 172 37.91 -8.47 -2.70
C LYS D 172 37.59 -7.02 -2.37
N VAL D 173 36.49 -6.50 -2.89
CA VAL D 173 36.09 -5.13 -2.58
C VAL D 173 35.79 -4.98 -1.10
N ILE D 174 35.06 -5.95 -0.53
CA ILE D 174 34.71 -5.88 0.89
C ILE D 174 35.98 -5.92 1.74
N LYS D 175 36.94 -6.79 1.39
CA LYS D 175 38.16 -6.90 2.18
C LYS D 175 38.97 -5.60 2.15
N GLU D 176 39.01 -4.92 1.00
CA GLU D 176 39.71 -3.64 0.94
C GLU D 176 39.01 -2.59 1.79
N SER D 177 37.67 -2.59 1.79
CA SER D 177 36.94 -1.65 2.63
CA SER D 177 36.93 -1.66 2.64
C SER D 177 37.14 -1.94 4.11
N ILE D 178 37.35 -3.21 4.46
CA ILE D 178 37.63 -3.57 5.86
C ILE D 178 38.98 -3.01 6.29
N GLU D 179 39.98 -3.09 5.41
CA GLU D 179 41.30 -2.54 5.73
C GLU D 179 41.24 -1.05 5.95
N ARG D 180 40.47 -0.33 5.12
CA ARG D 180 40.32 1.11 5.31
C ARG D 180 39.71 1.42 6.68
N TRP D 181 38.69 0.67 7.09
CA TRP D 181 38.12 0.88 8.41
C TRP D 181 39.17 0.64 9.50
N ASN D 182 39.93 -0.46 9.37
CA ASN D 182 40.95 -0.78 10.36
C ASN D 182 42.08 0.25 10.37
N LYS D 183 42.30 0.96 9.26
CA LYS D 183 43.25 2.06 9.28
C LYS D 183 42.70 3.26 10.02
N GLN D 184 41.39 3.49 9.91
CA GLN D 184 40.73 4.61 10.59
C GLN D 184 40.07 4.14 11.89
N ASP E 11 -25.05 -2.08 -18.12
CA ASP E 11 -25.98 -1.37 -17.26
C ASP E 11 -26.47 -2.28 -16.11
N PHE E 12 -26.03 -1.96 -14.89
CA PHE E 12 -26.39 -2.79 -13.74
C PHE E 12 -27.89 -2.78 -13.47
N ASN E 13 -28.56 -1.65 -13.72
CA ASN E 13 -29.99 -1.56 -13.46
C ASN E 13 -30.83 -2.34 -14.48
N GLN E 14 -30.21 -3.00 -15.45
CA GLN E 14 -30.94 -3.75 -16.46
C GLN E 14 -31.10 -5.22 -16.10
N ILE E 15 -30.03 -5.86 -15.64
CA ILE E 15 -30.07 -7.29 -15.32
C ILE E 15 -29.99 -7.56 -13.82
N LEU E 16 -29.42 -6.66 -13.03
CA LEU E 16 -29.36 -6.82 -11.59
C LEU E 16 -30.63 -6.26 -10.96
N THR E 17 -31.26 -7.06 -10.10
CA THR E 17 -32.41 -6.65 -9.31
C THR E 17 -31.97 -6.25 -7.91
N PRO E 18 -32.85 -5.65 -7.10
CA PRO E 18 -32.47 -5.36 -5.71
C PRO E 18 -32.22 -6.60 -4.88
N GLY E 19 -32.77 -7.75 -5.29
CA GLY E 19 -32.47 -8.99 -4.60
C GLY E 19 -33.51 -9.41 -3.58
N ASP E 20 -33.08 -10.13 -2.54
CA ASP E 20 -34.02 -10.73 -1.59
C ASP E 20 -34.17 -9.78 -0.42
N VAL E 21 -34.95 -8.71 -0.66
CA VAL E 21 -35.14 -7.67 0.35
C VAL E 21 -35.78 -8.25 1.61
N ASP E 22 -36.80 -9.09 1.44
CA ASP E 22 -37.46 -9.69 2.60
C ASP E 22 -36.52 -10.57 3.39
N GLY E 23 -35.66 -11.33 2.71
CA GLY E 23 -34.62 -12.09 3.36
C GLY E 23 -33.43 -11.28 3.84
N GLY E 24 -33.39 -9.98 3.56
CA GLY E 24 -32.26 -9.16 3.94
C GLY E 24 -30.97 -9.48 3.25
N ILE E 25 -31.02 -10.08 2.06
CA ILE E 25 -29.84 -10.34 1.23
C ILE E 25 -30.08 -9.64 -0.09
N ILE E 26 -29.40 -8.51 -0.30
CA ILE E 26 -29.65 -7.66 -1.46
C ILE E 26 -28.39 -7.64 -2.33
N ASN E 27 -28.59 -7.19 -3.58
CA ASN E 27 -27.47 -6.93 -4.49
C ASN E 27 -26.98 -5.50 -4.31
N VAL E 28 -25.67 -5.35 -4.23
CA VAL E 28 -25.01 -4.06 -4.03
C VAL E 28 -23.91 -3.95 -5.09
N VAL E 29 -23.83 -2.79 -5.74
CA VAL E 29 -22.74 -2.47 -6.66
C VAL E 29 -21.82 -1.47 -5.97
N ASN E 30 -20.54 -1.80 -5.87
CA ASN E 30 -19.63 -0.90 -5.14
C ASN E 30 -19.17 0.26 -6.03
N GLU E 31 -19.14 1.48 -5.47
CA GLU E 31 -18.66 2.66 -6.20
C GLU E 31 -17.31 3.18 -5.70
N ILE E 32 -17.12 3.25 -4.39
CA ILE E 32 -15.94 3.88 -3.79
C ILE E 32 -15.29 2.88 -2.84
N PRO E 33 -14.01 2.57 -3.01
CA PRO E 33 -13.31 1.74 -2.02
C PRO E 33 -13.21 2.46 -0.69
N ALA E 34 -13.37 1.73 0.41
CA ALA E 34 -13.07 2.30 1.72
C ALA E 34 -11.68 2.93 1.71
N GLY E 35 -11.55 4.09 2.33
CA GLY E 35 -10.27 4.77 2.41
C GLY E 35 -9.96 5.71 1.26
N SER E 36 -10.82 5.78 0.25
CA SER E 36 -10.60 6.62 -0.92
C SER E 36 -11.19 8.02 -0.72
N ASN E 37 -10.50 9.04 -1.22
CA ASN E 37 -11.10 10.38 -1.24
C ASN E 37 -11.59 10.75 -2.64
N HIS E 38 -11.82 9.75 -3.49
CA HIS E 38 -12.35 9.94 -4.84
C HIS E 38 -13.86 9.71 -4.82
N LYS E 39 -14.63 10.74 -5.12
CA LYS E 39 -16.09 10.61 -5.12
C LYS E 39 -16.49 10.01 -6.45
N ILE E 40 -16.70 8.70 -6.47
CA ILE E 40 -17.06 7.99 -7.69
C ILE E 40 -18.54 7.64 -7.61
N GLU E 41 -19.25 7.83 -8.72
CA GLU E 41 -20.68 7.55 -8.76
C GLU E 41 -21.03 6.82 -10.04
N TRP E 42 -21.85 5.77 -9.92
CA TRP E 42 -22.46 5.14 -11.08
C TRP E 42 -23.37 6.13 -11.80
N ASN E 43 -23.08 6.38 -13.06
CA ASN E 43 -23.88 7.27 -13.91
C ASN E 43 -24.87 6.41 -14.67
N ARG E 44 -26.14 6.50 -14.28
CA ARG E 44 -27.17 5.60 -14.80
C ARG E 44 -27.42 5.81 -16.29
N LYS E 45 -27.37 7.05 -16.76
CA LYS E 45 -27.69 7.31 -18.16
C LYS E 45 -26.58 6.80 -19.08
N LEU E 46 -25.32 6.90 -18.65
CA LEU E 46 -24.17 6.48 -19.43
C LEU E 46 -23.72 5.04 -19.13
N ALA E 47 -24.18 4.46 -18.04
CA ALA E 47 -23.75 3.13 -17.61
C ALA E 47 -22.23 3.07 -17.46
N ALA E 48 -21.70 3.99 -16.66
CA ALA E 48 -20.27 4.03 -16.38
C ALA E 48 -20.07 4.73 -15.06
N PHE E 49 -18.90 4.51 -14.46
CA PHE E 49 -18.53 5.09 -13.18
C PHE E 49 -17.81 6.41 -13.42
N GLN E 50 -18.29 7.48 -12.78
CA GLN E 50 -17.74 8.81 -12.98
C GLN E 50 -17.08 9.28 -11.70
N LEU E 51 -15.84 9.76 -11.81
CA LEU E 51 -15.23 10.49 -10.71
C LEU E 51 -15.83 11.88 -10.72
N ASP E 52 -16.77 12.15 -9.81
CA ASP E 52 -17.37 13.47 -9.74
C ASP E 52 -16.36 14.52 -9.27
N ARG E 53 -15.59 14.20 -8.24
CA ARG E 53 -14.66 15.17 -7.67
C ARG E 53 -13.68 14.46 -6.74
N ILE E 54 -12.61 15.18 -6.41
CA ILE E 54 -11.70 14.78 -5.35
C ILE E 54 -12.20 15.42 -4.08
N GLU E 55 -12.31 14.62 -3.01
CA GLU E 55 -12.74 15.11 -1.70
C GLU E 55 -11.50 15.44 -0.86
N PRO E 56 -11.65 16.26 0.20
CA PRO E 56 -10.51 16.43 1.12
C PRO E 56 -9.99 15.08 1.59
N ALA E 57 -8.66 14.92 1.59
CA ALA E 57 -8.06 13.66 2.03
C ALA E 57 -8.46 13.31 3.45
N ILE E 58 -8.68 14.30 4.33
CA ILE E 58 -9.10 13.98 5.68
C ILE E 58 -10.50 13.39 5.72
N PHE E 59 -11.26 13.46 4.62
CA PHE E 59 -12.61 12.88 4.56
C PHE E 59 -12.68 11.70 3.60
N ALA E 60 -11.65 10.86 3.62
CA ALA E 60 -11.72 9.61 2.88
C ALA E 60 -12.89 8.78 3.41
N LYS E 61 -13.52 8.02 2.53
CA LYS E 61 -14.73 7.28 2.94
C LYS E 61 -14.37 6.28 4.04
N PRO E 62 -15.15 6.22 5.14
CA PRO E 62 -14.79 5.29 6.21
C PRO E 62 -15.25 3.87 5.97
N THR E 63 -16.15 3.64 5.02
CA THR E 63 -16.55 2.31 4.57
C THR E 63 -16.48 2.30 3.05
N ASN E 64 -16.71 1.14 2.45
CA ASN E 64 -17.00 1.12 1.02
C ASN E 64 -18.35 1.77 0.79
N TYR E 65 -18.53 2.36 -0.39
CA TYR E 65 -19.73 3.13 -0.71
C TYR E 65 -20.31 2.59 -2.01
N GLY E 66 -21.59 2.19 -1.98
CA GLY E 66 -22.19 1.58 -3.16
C GLY E 66 -23.65 1.93 -3.33
N PHE E 67 -24.36 1.21 -4.21
CA PHE E 67 -25.79 1.47 -4.38
C PHE E 67 -26.54 0.16 -4.62
N ILE E 68 -27.85 0.22 -4.44
CA ILE E 68 -28.73 -0.92 -4.74
C ILE E 68 -29.30 -0.72 -6.13
N PRO E 69 -29.13 -1.66 -7.05
CA PRO E 69 -29.71 -1.52 -8.39
C PRO E 69 -31.24 -1.47 -8.36
N GLN E 70 -31.80 -0.69 -9.29
CA GLN E 70 -33.25 -0.59 -9.49
C GLN E 70 -33.95 -0.04 -8.26
N THR E 71 -33.31 0.93 -7.62
CA THR E 71 -33.89 1.72 -6.56
C THR E 71 -33.69 3.19 -6.87
N LEU E 72 -34.50 4.04 -6.23
CA LEU E 72 -34.35 5.49 -6.33
C LEU E 72 -34.61 6.12 -4.98
N ASP E 73 -33.66 6.91 -4.49
CA ASP E 73 -33.89 7.74 -3.32
C ASP E 73 -34.29 9.14 -3.78
N GLU E 74 -34.47 10.05 -2.81
CA GLU E 74 -35.05 11.36 -3.12
C GLU E 74 -34.12 12.24 -3.94
N ASP E 75 -32.80 12.00 -3.89
CA ASP E 75 -31.86 12.80 -4.68
C ASP E 75 -31.81 12.40 -6.14
N GLY E 76 -32.70 11.50 -6.59
CA GLY E 76 -32.75 11.08 -7.97
C GLY E 76 -31.83 9.94 -8.33
N ASP E 77 -31.01 9.46 -7.41
CA ASP E 77 -30.10 8.36 -7.66
C ASP E 77 -30.56 7.10 -6.93
N GLU E 78 -29.89 5.99 -7.25
CA GLU E 78 -30.15 4.73 -6.58
C GLU E 78 -29.79 4.85 -5.09
N LEU E 79 -30.50 4.08 -4.27
CA LEU E 79 -30.30 4.08 -2.83
C LEU E 79 -28.86 3.72 -2.46
N ASP E 80 -28.26 4.48 -1.56
CA ASP E 80 -26.85 4.33 -1.18
C ASP E 80 -26.66 3.18 -0.21
N VAL E 81 -25.46 2.61 -0.22
CA VAL E 81 -25.06 1.51 0.67
C VAL E 81 -23.71 1.85 1.31
N LEU E 82 -23.62 1.68 2.63
CA LEU E 82 -22.35 1.66 3.36
C LEU E 82 -22.01 0.19 3.57
N LEU E 83 -20.98 -0.29 2.88
CA LEU E 83 -20.59 -1.68 2.91
C LEU E 83 -19.30 -1.80 3.72
N VAL E 84 -19.38 -2.49 4.85
CA VAL E 84 -18.27 -2.60 5.78
C VAL E 84 -17.48 -3.87 5.48
N THR E 85 -16.18 -3.74 5.19
CA THR E 85 -15.28 -4.87 5.03
C THR E 85 -13.94 -4.57 5.68
N GLU E 86 -13.16 -5.62 5.91
CA GLU E 86 -11.84 -5.42 6.51
C GLU E 86 -10.86 -4.80 5.52
N GLN E 87 -10.93 -5.20 4.25
CA GLN E 87 -10.09 -4.64 3.20
C GLN E 87 -10.97 -4.07 2.11
N PRO E 88 -10.58 -2.93 1.52
CA PRO E 88 -11.46 -2.22 0.58
C PRO E 88 -11.83 -3.03 -0.65
N LEU E 89 -12.98 -2.69 -1.21
CA LEU E 89 -13.51 -3.30 -2.43
CA LEU E 89 -13.51 -3.30 -2.43
C LEU E 89 -13.27 -2.38 -3.60
N ALA E 90 -12.91 -2.96 -4.75
CA ALA E 90 -12.70 -2.16 -5.95
C ALA E 90 -14.02 -1.60 -6.48
N THR E 91 -13.93 -0.44 -7.15
CA THR E 91 -15.05 0.13 -7.88
C THR E 91 -15.55 -0.85 -8.94
N GLY E 92 -16.86 -1.05 -9.01
CA GLY E 92 -17.46 -1.77 -10.12
C GLY E 92 -17.76 -3.23 -9.86
N VAL E 93 -17.37 -3.77 -8.73
CA VAL E 93 -17.73 -5.14 -8.42
CA VAL E 93 -17.70 -5.15 -8.37
C VAL E 93 -19.04 -5.14 -7.67
N PHE E 94 -19.88 -6.15 -7.94
CA PHE E 94 -21.15 -6.26 -7.23
C PHE E 94 -21.10 -7.49 -6.33
N LEU E 95 -21.99 -7.51 -5.33
CA LEU E 95 -21.98 -8.63 -4.40
C LEU E 95 -23.37 -8.78 -3.81
N GLU E 96 -23.62 -9.98 -3.30
CA GLU E 96 -24.75 -10.19 -2.41
C GLU E 96 -24.34 -9.77 -1.01
N ALA E 97 -25.11 -8.84 -0.42
CA ALA E 97 -24.79 -8.21 0.84
C ALA E 97 -25.90 -8.43 1.86
N ARG E 98 -25.52 -8.66 3.11
CA ARG E 98 -26.48 -8.84 4.20
C ARG E 98 -26.79 -7.48 4.78
N VAL E 99 -28.09 -7.16 4.88
CA VAL E 99 -28.56 -5.90 5.44
C VAL E 99 -28.51 -5.97 6.96
N ILE E 100 -27.78 -5.05 7.59
CA ILE E 100 -27.69 -5.03 9.05
C ILE E 100 -28.20 -3.75 9.68
N GLY E 101 -28.55 -2.73 8.90
CA GLY E 101 -29.07 -1.50 9.49
C GLY E 101 -29.20 -0.42 8.43
N VAL E 102 -29.56 0.78 8.89
CA VAL E 102 -29.71 1.93 8.01
C VAL E 102 -29.28 3.17 8.78
N MET E 103 -28.53 4.03 8.09
CA MET E 103 -28.19 5.35 8.60
C MET E 103 -29.18 6.35 7.99
N LYS E 104 -30.05 6.91 8.81
CA LYS E 104 -30.98 7.94 8.36
C LYS E 104 -30.22 9.25 8.21
N PHE E 105 -30.34 9.88 7.05
CA PHE E 105 -29.42 10.95 6.69
C PHE E 105 -30.14 12.03 5.89
N VAL E 106 -29.85 13.28 6.21
CA VAL E 106 -30.30 14.42 5.42
C VAL E 106 -29.07 15.15 4.91
N ASP E 107 -28.99 15.35 3.60
CA ASP E 107 -27.85 15.96 2.94
C ASP E 107 -28.35 17.18 2.18
N ASP E 108 -28.07 18.37 2.72
CA ASP E 108 -28.34 19.63 2.06
C ASP E 108 -29.81 19.73 1.65
N GLY E 109 -30.68 19.58 2.63
CA GLY E 109 -32.09 19.78 2.46
C GLY E 109 -32.90 18.53 2.19
N GLU E 110 -32.28 17.47 1.65
CA GLU E 110 -33.05 16.32 1.19
C GLU E 110 -32.55 15.02 1.80
N VAL E 111 -33.47 14.05 1.87
CA VAL E 111 -33.21 12.75 2.48
C VAL E 111 -32.31 11.94 1.58
N ASP E 112 -31.29 11.33 2.16
CA ASP E 112 -30.34 10.48 1.45
C ASP E 112 -29.89 9.37 2.40
N ASP E 113 -30.84 8.54 2.82
CA ASP E 113 -30.55 7.42 3.71
C ASP E 113 -29.56 6.46 3.06
N LYS E 114 -28.81 5.74 3.89
CA LYS E 114 -27.82 4.78 3.40
C LYS E 114 -27.96 3.46 4.16
N ILE E 115 -28.11 2.37 3.40
CA ILE E 115 -28.27 1.04 3.98
C ILE E 115 -26.90 0.53 4.42
N VAL E 116 -26.82 0.00 5.64
CA VAL E 116 -25.56 -0.54 6.17
C VAL E 116 -25.56 -2.04 5.90
N CYS E 117 -24.51 -2.51 5.21
CA CYS E 117 -24.41 -3.89 4.78
C CYS E 117 -23.02 -4.44 5.07
N VAL E 118 -22.97 -5.77 5.14
CA VAL E 118 -21.71 -6.53 5.07
C VAL E 118 -21.88 -7.55 3.96
N PRO E 119 -20.78 -8.12 3.47
CA PRO E 119 -20.90 -9.22 2.50
C PRO E 119 -21.69 -10.38 3.10
N ALA E 120 -22.59 -10.97 2.30
CA ALA E 120 -23.45 -12.02 2.84
C ALA E 120 -22.64 -13.26 3.21
N ASP E 121 -21.51 -13.47 2.56
CA ASP E 121 -20.70 -14.67 2.77
C ASP E 121 -19.30 -14.20 3.15
N ASP E 122 -19.01 -14.15 4.45
CA ASP E 122 -17.71 -13.70 4.95
C ASP E 122 -17.05 -14.82 5.74
N ARG E 123 -16.12 -15.52 5.11
CA ARG E 123 -15.42 -16.61 5.76
C ARG E 123 -14.12 -16.16 6.41
N ASN E 124 -13.86 -14.86 6.45
CA ASN E 124 -12.73 -14.31 7.19
C ASN E 124 -13.11 -14.05 8.65
N ASN E 125 -14.31 -13.52 8.91
CA ASN E 125 -14.77 -13.36 10.28
C ASN E 125 -15.94 -14.28 10.62
N GLY E 126 -16.29 -15.20 9.73
CA GLY E 126 -17.38 -16.13 10.04
C GLY E 126 -18.73 -15.47 10.19
N ASN E 127 -19.03 -14.49 9.34
CA ASN E 127 -20.31 -13.79 9.36
C ASN E 127 -20.60 -13.22 10.74
N ALA E 128 -19.59 -12.53 11.29
CA ALA E 128 -19.65 -12.06 12.67
C ALA E 128 -20.63 -10.90 12.87
N TYR E 129 -21.00 -10.16 11.82
CA TYR E 129 -21.81 -8.96 11.97
C TYR E 129 -23.18 -9.19 11.35
N LYS E 130 -24.20 -9.27 12.19
CA LYS E 130 -25.57 -9.42 11.75
C LYS E 130 -26.48 -8.27 12.17
N THR E 131 -26.05 -7.46 13.13
CA THR E 131 -26.75 -6.23 13.51
C THR E 131 -25.71 -5.13 13.73
N LEU E 132 -26.17 -3.88 13.73
CA LEU E 132 -25.28 -2.75 13.98
C LEU E 132 -24.59 -2.89 15.34
N SER E 133 -25.30 -3.45 16.33
CA SER E 133 -24.71 -3.61 17.65
C SER E 133 -23.55 -4.60 17.66
N ASP E 134 -23.43 -5.45 16.63
CA ASP E 134 -22.29 -6.34 16.52
C ASP E 134 -21.00 -5.58 16.15
N LEU E 135 -21.13 -4.42 15.51
CA LEU E 135 -19.97 -3.59 15.16
C LEU E 135 -19.44 -2.88 16.41
N PRO E 136 -18.15 -2.51 16.42
CA PRO E 136 -17.68 -1.60 17.48
C PRO E 136 -18.51 -0.33 17.48
N GLN E 137 -19.02 0.05 18.65
CA GLN E 137 -19.77 1.30 18.72
C GLN E 137 -18.93 2.47 18.19
N GLN E 138 -17.62 2.46 18.46
CA GLN E 138 -16.76 3.55 18.01
C GLN E 138 -16.68 3.65 16.49
N LEU E 139 -16.85 2.53 15.79
CA LEU E 139 -16.90 2.58 14.33
C LEU E 139 -18.14 3.35 13.87
N ILE E 140 -19.29 3.06 14.48
CA ILE E 140 -20.52 3.76 14.16
C ILE E 140 -20.37 5.26 14.43
N LYS E 141 -19.77 5.60 15.58
CA LYS E 141 -19.54 7.02 15.89
C LYS E 141 -18.63 7.69 14.87
N GLN E 142 -17.65 6.95 14.34
CA GLN E 142 -16.76 7.50 13.32
C GLN E 142 -17.49 7.71 12.01
N ILE E 143 -18.34 6.77 11.61
CA ILE E 143 -19.16 6.93 10.41
C ILE E 143 -20.07 8.14 10.57
N GLU E 144 -20.71 8.26 11.74
CA GLU E 144 -21.57 9.41 12.00
C GLU E 144 -20.82 10.71 11.90
N PHE E 145 -19.65 10.79 12.54
CA PHE E 145 -18.84 12.00 12.44
C PHE E 145 -18.53 12.32 10.99
N HIS E 146 -18.08 11.31 10.24
CA HIS E 146 -17.75 11.53 8.84
C HIS E 146 -18.92 12.16 8.09
N PHE E 147 -20.11 11.56 8.19
CA PHE E 147 -21.20 12.07 7.38
C PHE E 147 -21.77 13.38 7.92
N ASN E 148 -21.55 13.67 9.20
CA ASN E 148 -21.91 14.98 9.75
C ASN E 148 -20.99 16.10 9.30
N HIS E 149 -19.79 15.81 8.81
CA HIS E 149 -18.78 16.84 8.61
C HIS E 149 -18.12 16.87 7.24
N TYR E 150 -18.45 15.95 6.33
CA TYR E 150 -17.59 15.80 5.16
C TYR E 150 -17.72 16.93 4.15
N LYS E 151 -18.72 17.79 4.30
CA LYS E 151 -18.86 18.98 3.46
C LYS E 151 -18.48 20.26 4.18
N ASP E 152 -17.88 20.15 5.39
CA ASP E 152 -17.64 21.32 6.23
C ASP E 152 -16.67 22.31 5.61
N LEU E 153 -15.74 21.85 4.78
CA LEU E 153 -14.80 22.82 4.21
C LEU E 153 -15.45 23.66 3.12
N LYS E 154 -16.55 23.19 2.54
CA LYS E 154 -17.33 24.02 1.62
C LYS E 154 -18.31 24.90 2.38
N LYS E 155 -19.19 24.28 3.15
CA LYS E 155 -20.11 24.99 4.04
C LYS E 155 -20.57 23.99 5.08
N ALA E 156 -20.36 24.33 6.35
CA ALA E 156 -20.73 23.48 7.47
C ALA E 156 -22.23 23.55 7.75
N GLY E 157 -22.73 22.55 8.48
CA GLY E 157 -24.10 22.57 8.95
C GLY E 157 -25.16 22.15 7.95
N THR E 158 -24.79 21.56 6.81
CA THR E 158 -25.79 21.18 5.82
C THR E 158 -26.06 19.67 5.78
N THR E 159 -25.38 18.88 6.60
CA THR E 159 -25.59 17.43 6.66
C THR E 159 -25.88 17.03 8.10
N LYS E 160 -26.73 16.01 8.27
CA LYS E 160 -27.11 15.53 9.61
C LYS E 160 -27.49 14.07 9.58
N VAL E 161 -26.75 13.24 10.30
CA VAL E 161 -27.15 11.87 10.61
C VAL E 161 -28.28 11.93 11.64
N GLU E 162 -29.49 11.54 11.21
CA GLU E 162 -30.67 11.70 12.06
C GLU E 162 -30.80 10.58 13.08
N SER E 163 -30.52 9.34 12.68
CA SER E 163 -30.66 8.20 13.56
C SER E 163 -30.10 6.97 12.86
N TRP E 164 -29.93 5.91 13.63
CA TRP E 164 -29.54 4.60 13.12
C TRP E 164 -30.70 3.65 13.34
N GLY E 165 -31.06 2.90 12.30
CA GLY E 165 -32.13 1.91 12.43
C GLY E 165 -31.62 0.50 12.20
N GLY E 166 -32.39 -0.49 12.63
CA GLY E 166 -32.06 -1.88 12.44
C GLY E 166 -32.47 -2.38 11.07
N ALA E 167 -32.36 -3.69 10.89
CA ALA E 167 -32.56 -4.27 9.57
C ALA E 167 -34.00 -4.09 9.08
N GLU E 168 -34.98 -4.11 10.00
CA GLU E 168 -36.37 -3.98 9.58
C GLU E 168 -36.68 -2.57 9.06
N GLU E 169 -36.17 -1.53 9.72
CA GLU E 169 -36.32 -0.19 9.15
C GLU E 169 -35.57 -0.07 7.83
N ALA E 170 -34.42 -0.73 7.71
CA ALA E 170 -33.69 -0.71 6.46
C ALA E 170 -34.50 -1.36 5.35
N LYS E 171 -35.15 -2.49 5.63
CA LYS E 171 -36.00 -3.14 4.64
C LYS E 171 -37.13 -2.20 4.19
N LYS E 172 -37.71 -1.45 5.13
CA LYS E 172 -38.77 -0.52 4.78
C LYS E 172 -38.25 0.58 3.85
N VAL E 173 -37.06 1.11 4.15
CA VAL E 173 -36.45 2.14 3.30
C VAL E 173 -36.20 1.58 1.90
N ILE E 174 -35.69 0.34 1.81
CA ILE E 174 -35.39 -0.26 0.52
C ILE E 174 -36.68 -0.45 -0.29
N LYS E 175 -37.75 -0.90 0.37
CA LYS E 175 -39.02 -1.08 -0.34
C LYS E 175 -39.58 0.23 -0.86
N GLU E 176 -39.46 1.30 -0.08
CA GLU E 176 -39.91 2.60 -0.59
C GLU E 176 -39.11 3.03 -1.80
N SER E 177 -37.82 2.66 -1.85
CA SER E 177 -36.97 3.05 -2.97
C SER E 177 -37.21 2.18 -4.20
N ILE E 178 -37.63 0.94 -4.00
CA ILE E 178 -38.05 0.12 -5.13
C ILE E 178 -39.31 0.68 -5.77
N GLU E 179 -40.22 1.21 -4.95
CA GLU E 179 -41.45 1.78 -5.48
C GLU E 179 -41.17 3.05 -6.28
N ARG E 180 -40.21 3.86 -5.83
CA ARG E 180 -39.84 5.06 -6.60
C ARG E 180 -39.28 4.68 -7.96
N TRP E 181 -38.39 3.69 -8.01
CA TRP E 181 -37.83 3.25 -9.28
C TRP E 181 -38.94 2.81 -10.24
N ASN E 182 -39.87 1.98 -9.75
CA ASN E 182 -40.90 1.42 -10.63
C ASN E 182 -41.77 2.50 -11.24
N LYS E 183 -42.10 3.54 -10.47
CA LYS E 183 -42.93 4.62 -10.97
C LYS E 183 -42.08 5.66 -11.69
N ASP F 11 18.22 -0.41 24.56
CA ASP F 11 17.98 -1.78 25.02
C ASP F 11 16.71 -1.88 25.86
N PHE F 12 15.72 -2.62 25.33
CA PHE F 12 14.40 -2.67 25.96
C PHE F 12 14.41 -3.43 27.29
N ASN F 13 15.25 -4.46 27.41
CA ASN F 13 15.25 -5.25 28.64
C ASN F 13 15.87 -4.52 29.83
N GLN F 14 16.45 -3.34 29.63
CA GLN F 14 16.97 -2.54 30.74
C GLN F 14 16.15 -1.29 31.02
N ILE F 15 15.44 -0.76 30.03
CA ILE F 15 14.58 0.41 30.25
C ILE F 15 13.15 0.02 30.54
N LEU F 16 12.73 -1.19 30.21
CA LEU F 16 11.35 -1.61 30.36
C LEU F 16 11.28 -2.81 31.29
N THR F 17 10.32 -2.78 32.20
CA THR F 17 9.91 -3.94 32.96
C THR F 17 8.75 -4.63 32.25
N PRO F 18 8.33 -5.82 32.71
CA PRO F 18 7.12 -6.41 32.13
C PRO F 18 5.87 -5.57 32.31
N GLY F 19 5.82 -4.73 33.35
CA GLY F 19 4.65 -3.89 33.56
C GLY F 19 3.68 -4.43 34.60
N ASP F 20 2.40 -4.07 34.46
CA ASP F 20 1.39 -4.37 35.48
C ASP F 20 0.73 -5.72 35.18
N VAL F 21 1.50 -6.78 35.43
CA VAL F 21 1.02 -8.14 35.14
C VAL F 21 -0.25 -8.44 35.92
N ASP F 22 -0.28 -8.07 37.21
CA ASP F 22 -1.46 -8.34 38.01
C ASP F 22 -2.69 -7.62 37.49
N GLY F 23 -2.51 -6.43 36.92
CA GLY F 23 -3.61 -5.73 36.30
C GLY F 23 -3.88 -6.08 34.85
N GLY F 24 -3.06 -6.96 34.27
CA GLY F 24 -3.25 -7.37 32.89
C GLY F 24 -2.84 -6.36 31.86
N ILE F 25 -2.09 -5.32 32.23
CA ILE F 25 -1.59 -4.33 31.28
C ILE F 25 -0.07 -4.42 31.30
N ILE F 26 0.51 -4.99 30.25
CA ILE F 26 1.94 -5.29 30.23
C ILE F 26 2.63 -4.47 29.15
N ASN F 27 3.96 -4.42 29.25
CA ASN F 27 4.79 -3.75 28.27
C ASN F 27 5.15 -4.73 27.16
N VAL F 28 4.99 -4.30 25.90
CA VAL F 28 5.23 -5.15 24.75
C VAL F 28 6.07 -4.37 23.72
N VAL F 29 7.05 -5.04 23.13
CA VAL F 29 7.91 -4.45 22.11
C VAL F 29 7.62 -5.19 20.82
N ASN F 30 7.23 -4.43 19.78
CA ASN F 30 6.80 -5.06 18.54
C ASN F 30 8.01 -5.41 17.67
N GLU F 31 8.01 -6.62 17.12
CA GLU F 31 9.08 -7.11 16.27
C GLU F 31 8.66 -7.22 14.81
N ILE F 32 7.47 -7.78 14.53
CA ILE F 32 7.04 -8.05 13.17
C ILE F 32 5.67 -7.41 12.92
N PRO F 33 5.56 -6.53 11.92
CA PRO F 33 4.23 -6.00 11.57
C PRO F 33 3.34 -7.09 11.02
N ALA F 34 2.06 -7.03 11.40
CA ALA F 34 1.09 -7.95 10.82
C ALA F 34 1.15 -7.88 9.30
N GLY F 35 1.03 -9.03 8.66
CA GLY F 35 1.06 -9.13 7.21
C GLY F 35 2.44 -9.24 6.61
N SER F 36 3.50 -9.20 7.41
CA SER F 36 4.87 -9.29 6.93
C SER F 36 5.31 -10.74 6.89
N ASN F 37 6.11 -11.10 5.88
CA ASN F 37 6.76 -12.40 5.81
C ASN F 37 8.25 -12.29 6.11
N HIS F 38 8.64 -11.27 6.86
CA HIS F 38 10.00 -11.12 7.35
C HIS F 38 10.04 -11.55 8.81
N LYS F 39 10.85 -12.56 9.12
CA LYS F 39 11.01 -13.00 10.50
C LYS F 39 12.04 -12.09 11.18
N ILE F 40 11.55 -11.13 11.97
CA ILE F 40 12.39 -10.18 12.67
C ILE F 40 12.38 -10.55 14.15
N GLU F 41 13.55 -10.49 14.78
CA GLU F 41 13.71 -10.84 16.18
C GLU F 41 14.59 -9.80 16.88
N TRP F 42 14.19 -9.43 18.10
CA TRP F 42 15.08 -8.63 18.94
C TRP F 42 16.30 -9.46 19.32
N ASN F 43 17.50 -8.98 18.96
CA ASN F 43 18.75 -9.64 19.31
C ASN F 43 19.24 -9.05 20.62
N ARG F 44 19.10 -9.82 21.70
CA ARG F 44 19.40 -9.29 23.03
C ARG F 44 20.88 -8.92 23.16
N LYS F 45 21.76 -9.72 22.57
CA LYS F 45 23.18 -9.46 22.70
C LYS F 45 23.60 -8.20 21.94
N LEU F 46 22.96 -7.92 20.81
CA LEU F 46 23.33 -6.76 19.99
C LEU F 46 22.46 -5.53 20.27
N ALA F 47 21.37 -5.68 21.01
CA ALA F 47 20.43 -4.59 21.23
C ALA F 47 19.95 -4.01 19.89
N ALA F 48 19.57 -4.90 18.99
CA ALA F 48 19.12 -4.48 17.67
C ALA F 48 18.19 -5.54 17.10
N PHE F 49 17.37 -5.14 16.14
CA PHE F 49 16.41 -6.01 15.50
C PHE F 49 17.04 -6.69 14.30
N GLN F 50 16.96 -8.02 14.28
CA GLN F 50 17.60 -8.81 13.23
C GLN F 50 16.53 -9.46 12.37
N LEU F 51 16.68 -9.36 11.06
CA LEU F 51 15.86 -10.12 10.15
C LEU F 51 16.52 -11.49 10.02
N ASP F 52 15.97 -12.48 10.73
CA ASP F 52 16.57 -13.80 10.73
C ASP F 52 16.49 -14.43 9.34
N ARG F 53 15.33 -14.31 8.69
CA ARG F 53 15.10 -14.99 7.43
C ARG F 53 13.83 -14.44 6.81
N ILE F 54 13.69 -14.64 5.50
CA ILE F 54 12.45 -14.38 4.79
C ILE F 54 11.59 -15.63 4.88
N GLU F 55 10.31 -15.46 5.29
CA GLU F 55 9.38 -16.58 5.33
C GLU F 55 8.62 -16.68 4.01
N PRO F 56 8.00 -17.82 3.72
CA PRO F 56 7.12 -17.89 2.54
C PRO F 56 6.01 -16.85 2.64
N ALA F 57 5.76 -16.16 1.54
CA ALA F 57 4.76 -15.10 1.53
C ALA F 57 3.38 -15.62 1.90
N ILE F 58 3.08 -16.87 1.58
CA ILE F 58 1.80 -17.43 1.97
C ILE F 58 1.66 -17.52 3.49
N PHE F 59 2.75 -17.38 4.24
CA PHE F 59 2.73 -17.45 5.70
C PHE F 59 3.05 -16.10 6.33
N ALA F 60 2.53 -15.03 5.74
CA ALA F 60 2.62 -13.72 6.37
C ALA F 60 1.97 -13.77 7.75
N LYS F 61 2.57 -13.08 8.71
CA LYS F 61 2.10 -13.14 10.09
CA LYS F 61 2.09 -13.15 10.10
C LYS F 61 0.65 -12.65 10.18
N PRO F 62 -0.24 -13.38 10.87
CA PRO F 62 -1.64 -12.95 10.90
C PRO F 62 -1.92 -11.86 11.92
N THR F 63 -1.01 -11.64 12.87
CA THR F 63 -1.07 -10.52 13.79
C THR F 63 0.32 -9.89 13.87
N ASN F 64 0.40 -8.75 14.54
CA ASN F 64 1.71 -8.27 14.96
C ASN F 64 2.33 -9.27 15.94
N TYR F 65 3.66 -9.28 15.98
CA TYR F 65 4.42 -10.28 16.74
C TYR F 65 5.48 -9.54 17.54
N GLY F 66 5.43 -9.66 18.87
CA GLY F 66 6.42 -9.00 19.71
C GLY F 66 6.87 -9.82 20.90
N PHE F 67 7.40 -9.16 21.94
CA PHE F 67 7.89 -9.86 23.12
C PHE F 67 7.73 -8.97 24.34
N ILE F 68 7.74 -9.59 25.52
CA ILE F 68 7.63 -8.90 26.79
C ILE F 68 9.03 -8.74 27.37
N PRO F 69 9.48 -7.52 27.69
CA PRO F 69 10.83 -7.35 28.24
C PRO F 69 10.98 -8.08 29.57
N GLN F 70 12.22 -8.46 29.87
CA GLN F 70 12.59 -9.07 31.14
C GLN F 70 11.76 -10.32 31.44
N THR F 71 11.53 -11.12 30.40
CA THR F 71 10.92 -12.44 30.55
C THR F 71 11.71 -13.43 29.71
N LEU F 72 11.66 -14.70 30.11
CA LEU F 72 12.31 -15.78 29.37
C LEU F 72 11.36 -16.97 29.30
N ASP F 73 11.22 -17.55 28.11
CA ASP F 73 10.46 -18.77 27.91
C ASP F 73 11.44 -19.93 27.75
N GLU F 74 10.90 -21.12 27.44
CA GLU F 74 11.75 -22.32 27.38
C GLU F 74 12.77 -22.24 26.25
N ASP F 75 12.48 -21.51 25.18
CA ASP F 75 13.37 -21.45 24.03
C ASP F 75 14.55 -20.51 24.23
N GLY F 76 14.67 -19.88 25.39
CA GLY F 76 15.76 -18.97 25.67
C GLY F 76 15.54 -17.54 25.26
N ASP F 77 14.50 -17.25 24.48
CA ASP F 77 14.15 -15.89 24.10
C ASP F 77 13.06 -15.36 25.02
N GLU F 78 12.81 -14.06 24.93
CA GLU F 78 11.72 -13.45 25.67
C GLU F 78 10.39 -14.06 25.25
N LEU F 79 9.43 -14.04 26.17
CA LEU F 79 8.10 -14.56 25.90
C LEU F 79 7.44 -13.81 24.76
N ASP F 80 6.86 -14.56 23.82
CA ASP F 80 6.29 -13.96 22.62
C ASP F 80 4.89 -13.39 22.88
N VAL F 81 4.49 -12.46 22.00
CA VAL F 81 3.20 -11.78 22.08
C VAL F 81 2.60 -11.75 20.68
N LEU F 82 1.33 -12.15 20.58
CA LEU F 82 0.51 -11.89 19.40
C LEU F 82 -0.33 -10.64 19.69
N LEU F 83 -0.03 -9.55 18.99
CA LEU F 83 -0.68 -8.27 19.23
C LEU F 83 -1.62 -7.96 18.06
N VAL F 84 -2.92 -7.96 18.34
CA VAL F 84 -3.95 -7.80 17.33
C VAL F 84 -4.29 -6.32 17.18
N THR F 85 -4.15 -5.78 15.96
CA THR F 85 -4.53 -4.40 15.64
C THR F 85 -5.22 -4.38 14.29
N GLU F 86 -5.93 -3.28 14.01
CA GLU F 86 -6.58 -3.15 12.71
C GLU F 86 -5.58 -2.90 11.59
N GLN F 87 -4.58 -2.05 11.85
CA GLN F 87 -3.53 -1.80 10.87
C GLN F 87 -2.17 -2.11 11.49
N PRO F 88 -1.22 -2.58 10.69
CA PRO F 88 -0.01 -3.18 11.28
C PRO F 88 0.85 -2.14 12.00
N LEU F 89 1.59 -2.63 12.98
CA LEU F 89 2.48 -1.83 13.79
C LEU F 89 3.92 -2.01 13.33
N ALA F 90 4.68 -0.92 13.32
CA ALA F 90 6.06 -0.97 12.85
C ALA F 90 6.97 -1.71 13.84
N THR F 91 8.01 -2.31 13.30
CA THR F 91 9.08 -2.88 14.12
C THR F 91 9.70 -1.81 15.01
N GLY F 92 9.85 -2.13 16.30
CA GLY F 92 10.67 -1.31 17.17
C GLY F 92 9.91 -0.38 18.07
N VAL F 93 8.59 -0.26 17.89
CA VAL F 93 7.74 0.51 18.78
CA VAL F 93 7.80 0.53 18.82
C VAL F 93 7.35 -0.35 19.98
N PHE F 94 7.21 0.26 21.14
CA PHE F 94 6.72 -0.44 22.32
C PHE F 94 5.41 0.19 22.77
N LEU F 95 4.62 -0.58 23.52
CA LEU F 95 3.30 -0.10 23.91
C LEU F 95 2.86 -0.80 25.18
N GLU F 96 1.96 -0.14 25.90
CA GLU F 96 1.20 -0.83 26.94
C GLU F 96 0.07 -1.59 26.26
N ALA F 97 -0.02 -2.88 26.56
CA ALA F 97 -0.95 -3.80 25.92
C ALA F 97 -1.80 -4.49 26.97
N ARG F 98 -3.09 -4.66 26.65
CA ARG F 98 -4.02 -5.41 27.48
C ARG F 98 -3.95 -6.89 27.14
N VAL F 99 -3.74 -7.71 28.17
CA VAL F 99 -3.66 -9.16 28.03
C VAL F 99 -5.08 -9.70 27.91
N ILE F 100 -5.35 -10.46 26.83
CA ILE F 100 -6.68 -11.03 26.62
C ILE F 100 -6.68 -12.55 26.51
N GLY F 101 -5.51 -13.19 26.43
CA GLY F 101 -5.49 -14.64 26.31
C GLY F 101 -4.08 -15.14 26.13
N VAL F 102 -3.97 -16.45 25.90
CA VAL F 102 -2.68 -17.09 25.65
C VAL F 102 -2.90 -18.24 24.68
N MET F 103 -2.01 -18.34 23.70
CA MET F 103 -1.93 -19.49 22.79
C MET F 103 -0.85 -20.43 23.33
N LYS F 104 -1.25 -21.59 23.84
CA LYS F 104 -0.30 -22.63 24.25
C LYS F 104 0.23 -23.36 23.04
N PHE F 105 1.56 -23.48 22.94
CA PHE F 105 2.19 -23.80 21.66
C PHE F 105 3.49 -24.56 21.89
N VAL F 106 3.74 -25.57 21.05
CA VAL F 106 4.98 -26.33 21.06
C VAL F 106 5.61 -26.21 19.68
N ASP F 107 6.88 -25.80 19.65
CA ASP F 107 7.61 -25.52 18.42
C ASP F 107 8.86 -26.39 18.43
N ASP F 108 8.76 -27.55 17.76
CA ASP F 108 9.86 -28.50 17.64
C ASP F 108 10.32 -29.01 19.01
N GLY F 109 9.36 -29.50 19.79
CA GLY F 109 9.64 -30.07 21.09
C GLY F 109 9.85 -29.09 22.22
N GLU F 110 9.90 -27.79 21.94
CA GLU F 110 10.10 -26.77 22.96
C GLU F 110 8.81 -26.01 23.20
N VAL F 111 8.47 -25.79 24.47
CA VAL F 111 7.33 -24.95 24.80
C VAL F 111 7.64 -23.51 24.37
N ASP F 112 6.67 -22.87 23.73
CA ASP F 112 6.86 -21.52 23.24
C ASP F 112 5.51 -20.81 23.15
N ASP F 113 4.85 -20.66 24.30
CA ASP F 113 3.55 -20.04 24.39
C ASP F 113 3.62 -18.58 23.94
N LYS F 114 2.46 -18.06 23.50
CA LYS F 114 2.37 -16.69 23.03
C LYS F 114 1.19 -15.99 23.68
N ILE F 115 1.47 -14.87 24.33
CA ILE F 115 0.43 -14.09 25.00
C ILE F 115 -0.33 -13.29 23.94
N VAL F 116 -1.65 -13.36 23.99
CA VAL F 116 -2.49 -12.63 23.04
C VAL F 116 -2.83 -11.29 23.65
N CYS F 117 -2.58 -10.20 22.93
CA CYS F 117 -2.72 -8.85 23.47
C CYS F 117 -3.42 -7.94 22.47
N VAL F 118 -3.98 -6.86 22.98
CA VAL F 118 -4.39 -5.74 22.14
C VAL F 118 -3.82 -4.48 22.77
N PRO F 119 -3.74 -3.36 22.02
CA PRO F 119 -3.36 -2.10 22.66
C PRO F 119 -4.30 -1.79 23.82
N ALA F 120 -3.70 -1.33 24.94
CA ALA F 120 -4.50 -1.02 26.12
C ALA F 120 -5.43 0.16 25.89
N ASP F 121 -5.07 1.07 24.99
CA ASP F 121 -5.85 2.28 24.76
C ASP F 121 -6.16 2.29 23.27
N ASP F 122 -7.35 1.78 22.90
CA ASP F 122 -7.74 1.67 21.49
C ASP F 122 -8.98 2.50 21.26
N ARG F 123 -8.81 3.71 20.73
CA ARG F 123 -9.96 4.59 20.51
C ARG F 123 -10.51 4.48 19.10
N ASN F 124 -10.01 3.54 18.30
CA ASN F 124 -10.61 3.22 17.01
C ASN F 124 -11.76 2.24 17.16
N ASN F 125 -11.61 1.20 17.99
CA ASN F 125 -12.73 0.30 18.27
C ASN F 125 -13.27 0.43 19.69
N GLY F 126 -12.82 1.43 20.44
CA GLY F 126 -13.35 1.64 21.77
C GLY F 126 -13.08 0.48 22.70
N ASN F 127 -11.87 -0.10 22.63
CA ASN F 127 -11.46 -1.21 23.49
C ASN F 127 -12.44 -2.36 23.41
N ALA F 128 -12.79 -2.73 22.18
CA ALA F 128 -13.82 -3.73 21.93
C ALA F 128 -13.42 -5.13 22.38
N TYR F 129 -12.14 -5.42 22.51
CA TYR F 129 -11.66 -6.77 22.74
C TYR F 129 -11.03 -6.88 24.12
N LYS F 130 -11.72 -7.59 25.03
CA LYS F 130 -11.22 -7.80 26.37
C LYS F 130 -10.96 -9.26 26.70
N THR F 131 -11.53 -10.20 25.96
CA THR F 131 -11.29 -11.63 26.10
C THR F 131 -11.13 -12.24 24.72
N LEU F 132 -10.71 -13.50 24.67
CA LEU F 132 -10.59 -14.15 23.36
C LEU F 132 -11.95 -14.28 22.69
N SER F 133 -13.01 -14.49 23.46
CA SER F 133 -14.32 -14.67 22.86
C SER F 133 -14.89 -13.38 22.26
N ASP F 134 -14.23 -12.23 22.51
CA ASP F 134 -14.63 -10.99 21.84
C ASP F 134 -14.15 -10.96 20.40
N LEU F 135 -13.09 -11.69 20.07
CA LEU F 135 -12.59 -11.76 18.71
C LEU F 135 -13.50 -12.65 17.86
N PRO F 136 -13.50 -12.48 16.55
CA PRO F 136 -14.14 -13.50 15.71
C PRO F 136 -13.47 -14.84 15.94
N GLN F 137 -14.30 -15.88 16.15
CA GLN F 137 -13.76 -17.23 16.30
C GLN F 137 -12.98 -17.63 15.07
N GLN F 138 -13.37 -17.14 13.90
CA GLN F 138 -12.64 -17.47 12.67
C GLN F 138 -11.25 -16.85 12.67
N LEU F 139 -11.08 -15.69 13.33
CA LEU F 139 -9.73 -15.14 13.45
C LEU F 139 -8.85 -16.06 14.27
N ILE F 140 -9.39 -16.60 15.37
CA ILE F 140 -8.62 -17.55 16.18
C ILE F 140 -8.26 -18.78 15.35
N LYS F 141 -9.20 -19.29 14.56
CA LYS F 141 -8.93 -20.49 13.77
C LYS F 141 -7.84 -20.24 12.73
N GLN F 142 -7.80 -19.03 12.19
CA GLN F 142 -6.76 -18.69 11.21
C GLN F 142 -5.40 -18.56 11.88
N ILE F 143 -5.35 -17.92 13.06
CA ILE F 143 -4.10 -17.86 13.80
C ILE F 143 -3.63 -19.27 14.15
N GLU F 144 -4.58 -20.12 14.53
CA GLU F 144 -4.24 -21.51 14.85
C GLU F 144 -3.70 -22.24 13.64
N PHE F 145 -4.37 -22.10 12.49
CA PHE F 145 -3.87 -22.69 11.26
C PHE F 145 -2.46 -22.21 10.95
N HIS F 146 -2.22 -20.90 11.05
CA HIS F 146 -0.92 -20.35 10.72
C HIS F 146 0.18 -20.99 11.55
N PHE F 147 -0.01 -21.05 12.86
CA PHE F 147 1.09 -21.56 13.67
C PHE F 147 1.22 -23.07 13.59
N ASN F 148 0.16 -23.77 13.16
CA ASN F 148 0.25 -25.20 12.95
C ASN F 148 0.97 -25.55 11.64
N HIS F 149 1.12 -24.60 10.72
CA HIS F 149 1.59 -24.91 9.39
C HIS F 149 2.72 -24.02 8.86
N TYR F 150 3.16 -23.01 9.60
CA TYR F 150 4.06 -22.03 8.96
C TYR F 150 5.45 -22.58 8.66
N LYS F 151 5.84 -23.73 9.23
CA LYS F 151 7.10 -24.37 8.88
C LYS F 151 6.93 -25.54 7.91
N ASP F 152 5.74 -25.73 7.35
CA ASP F 152 5.45 -26.95 6.58
C ASP F 152 6.30 -27.06 5.32
N LEU F 153 6.69 -25.94 4.69
CA LEU F 153 7.46 -26.08 3.45
C LEU F 153 8.87 -26.56 3.72
N LYS F 154 9.35 -26.38 4.95
CA LYS F 154 10.63 -26.95 5.39
C LYS F 154 10.44 -28.38 5.87
N LYS F 155 9.56 -28.58 6.85
CA LYS F 155 9.25 -29.92 7.36
C LYS F 155 7.97 -29.81 8.17
N ALA F 156 6.97 -30.60 7.81
CA ALA F 156 5.67 -30.48 8.46
C ALA F 156 5.66 -31.24 9.79
N GLY F 157 4.56 -31.05 10.53
CA GLY F 157 4.30 -31.81 11.73
C GLY F 157 5.19 -31.51 12.92
N THR F 158 5.83 -30.33 12.97
CA THR F 158 6.69 -30.01 14.10
C THR F 158 6.14 -28.90 14.99
N THR F 159 5.02 -28.29 14.64
CA THR F 159 4.41 -27.24 15.45
C THR F 159 2.97 -27.62 15.78
N LYS F 160 2.53 -27.26 16.97
CA LYS F 160 1.17 -27.63 17.39
C LYS F 160 0.64 -26.60 18.39
N VAL F 161 -0.44 -25.93 18.00
CA VAL F 161 -1.22 -25.14 18.95
C VAL F 161 -1.96 -26.12 19.85
N GLU F 162 -1.66 -26.06 21.14
CA GLU F 162 -2.19 -27.05 22.08
C GLU F 162 -3.55 -26.65 22.65
N SER F 163 -3.75 -25.37 22.93
CA SER F 163 -5.00 -24.87 23.48
C SER F 163 -4.95 -23.35 23.53
N TRP F 164 -6.11 -22.76 23.85
CA TRP F 164 -6.26 -21.33 24.00
C TRP F 164 -6.75 -21.05 25.42
N GLY F 165 -6.01 -20.22 26.16
CA GLY F 165 -6.40 -19.92 27.53
C GLY F 165 -6.80 -18.47 27.69
N GLY F 166 -7.45 -18.14 28.81
CA GLY F 166 -7.89 -16.79 29.09
C GLY F 166 -6.82 -15.96 29.79
N ALA F 167 -7.24 -14.76 30.23
CA ALA F 167 -6.26 -13.81 30.74
C ALA F 167 -5.59 -14.32 32.01
N GLU F 168 -6.29 -15.13 32.81
CA GLU F 168 -5.69 -15.59 34.06
C GLU F 168 -4.59 -16.61 33.80
N GLU F 169 -4.82 -17.56 32.90
CA GLU F 169 -3.76 -18.48 32.52
C GLU F 169 -2.59 -17.72 31.88
N ALA F 170 -2.89 -16.67 31.10
CA ALA F 170 -1.82 -15.88 30.50
C ALA F 170 -0.95 -15.22 31.57
N LYS F 171 -1.59 -14.66 32.60
CA LYS F 171 -0.83 -14.07 33.70
C LYS F 171 0.11 -15.08 34.35
N LYS F 172 -0.38 -16.30 34.59
CA LYS F 172 0.47 -17.34 35.17
C LYS F 172 1.68 -17.61 34.28
N VAL F 173 1.47 -17.66 32.96
CA VAL F 173 2.58 -17.88 32.03
C VAL F 173 3.56 -16.72 32.08
N ILE F 174 3.04 -15.48 32.19
CA ILE F 174 3.91 -14.31 32.25
C ILE F 174 4.76 -14.33 33.51
N LYS F 175 4.14 -14.65 34.66
CA LYS F 175 4.88 -14.66 35.92
C LYS F 175 5.96 -15.74 35.92
N GLU F 176 5.68 -16.90 35.34
CA GLU F 176 6.69 -17.94 35.25
C GLU F 176 7.89 -17.48 34.42
N SER F 177 7.63 -16.78 33.32
CA SER F 177 8.69 -16.23 32.49
C SER F 177 9.44 -15.11 33.18
N ILE F 178 8.77 -14.35 34.05
CA ILE F 178 9.48 -13.34 34.84
C ILE F 178 10.44 -14.03 35.81
N GLU F 179 10.01 -15.12 36.44
CA GLU F 179 10.88 -15.86 37.33
C GLU F 179 12.07 -16.46 36.59
N ARG F 180 11.84 -16.97 35.38
CA ARG F 180 12.95 -17.48 34.58
C ARG F 180 13.97 -16.39 34.29
N TRP F 181 13.49 -15.21 33.89
CA TRP F 181 14.41 -14.10 33.67
C TRP F 181 15.16 -13.75 34.95
N ASN F 182 14.44 -13.64 36.07
CA ASN F 182 15.09 -13.28 37.33
C ASN F 182 16.18 -14.26 37.71
N LYS F 183 15.95 -15.56 37.46
CA LYS F 183 16.90 -16.60 37.85
C LYS F 183 18.05 -16.76 36.87
N GLN F 184 18.10 -15.95 35.81
CA GLN F 184 19.20 -15.98 34.84
C GLN F 184 20.34 -15.07 35.30
#